data_8UUT
#
_entry.id   8UUT
#
_cell.length_a   130.559
_cell.length_b   130.559
_cell.length_c   76.409
_cell.angle_alpha   90.000
_cell.angle_beta   90.000
_cell.angle_gamma   120.000
#
_symmetry.space_group_name_H-M   'P 3 2 1'
#
loop_
_entity.id
_entity.type
_entity.pdbx_description
1 polymer 'Anti-feeding prophage Fibre'
2 water water
#
_entity_poly.entity_id   1
_entity_poly.type   'polypeptide(L)'
_entity_poly.pdbx_seq_one_letter_code
;GAQAGSGISVANTGVAVQAGNGISVTSTGVAVKAGNGIQVNTNGVGLKSTAWINVMCGLHNATFYVYSSYFCAFFCNYSN
GCVAYVYGRGAFYLSTVSGDIKLNSVSPNQILAMTGGSSSAVTMMSWTSTKAAEGISLEYQRKSLINSSSISGSASLVSA
P
;
_entity_poly.pdbx_strand_id   A,B,C,D,E,F
#
# COMPACT_ATOMS: atom_id res chain seq x y z
N ASN A 43 -6.50 39.10 -13.27
CA ASN A 43 -5.39 39.48 -12.40
C ASN A 43 -4.12 39.80 -13.20
N GLY A 44 -4.10 39.40 -14.48
CA GLY A 44 -3.03 39.74 -15.40
C GLY A 44 -1.80 38.84 -15.32
N VAL A 45 -1.54 38.28 -14.15
CA VAL A 45 -0.37 37.43 -13.94
C VAL A 45 -0.76 36.36 -12.94
N GLY A 46 -0.13 35.19 -13.04
CA GLY A 46 -0.47 34.06 -12.21
C GLY A 46 0.69 33.12 -11.95
N LEU A 47 0.77 32.57 -10.73
CA LEU A 47 1.73 31.52 -10.44
C LEU A 47 1.37 30.26 -11.22
N LYS A 48 2.36 29.63 -11.83
CA LYS A 48 2.09 28.33 -12.44
C LYS A 48 1.74 27.32 -11.35
N SER A 49 1.04 26.26 -11.75
CA SER A 49 0.64 25.24 -10.78
C SER A 49 1.86 24.54 -10.19
N THR A 50 2.98 24.54 -10.89
CA THR A 50 4.22 23.94 -10.40
C THR A 50 5.23 24.97 -9.92
N ALA A 51 4.77 26.15 -9.50
CA ALA A 51 5.69 27.14 -8.96
C ALA A 51 6.48 26.59 -7.79
N TRP A 52 5.89 25.65 -7.04
CA TRP A 52 6.60 25.03 -5.92
C TRP A 52 7.91 24.39 -6.36
N ILE A 53 7.98 23.89 -7.59
CA ILE A 53 9.24 23.33 -8.09
C ILE A 53 10.32 24.40 -8.11
N ASN A 54 9.99 25.55 -8.72
CA ASN A 54 10.94 26.65 -8.76
C ASN A 54 11.33 27.10 -7.37
N VAL A 55 10.36 27.23 -6.49
CA VAL A 55 10.66 27.79 -5.17
C VAL A 55 11.53 26.81 -4.39
N MET A 56 11.21 25.52 -4.44
CA MET A 56 11.90 24.60 -3.54
C MET A 56 13.27 24.21 -4.08
N CYS A 57 13.45 24.17 -5.40
CA CYS A 57 14.81 24.06 -5.94
C CYS A 57 15.67 25.23 -5.50
N GLY A 58 15.13 26.44 -5.54
CA GLY A 58 15.89 27.58 -5.02
C GLY A 58 16.13 27.47 -3.54
N LEU A 59 15.13 27.01 -2.79
CA LEU A 59 15.26 26.93 -1.34
C LEU A 59 16.43 26.06 -0.92
N HIS A 60 16.61 24.91 -1.57
CA HIS A 60 17.68 23.98 -1.22
C HIS A 60 18.88 24.08 -2.14
N ASN A 61 18.88 25.01 -3.10
CA ASN A 61 19.94 25.11 -4.10
C ASN A 61 20.10 23.80 -4.86
N ALA A 62 18.97 23.19 -5.20
CA ALA A 62 18.98 21.89 -5.86
C ALA A 62 19.22 22.05 -7.35
N THR A 63 19.95 21.10 -7.93
CA THR A 63 20.17 21.08 -9.38
C THR A 63 19.30 20.06 -10.08
N PHE A 64 18.66 19.15 -9.34
CA PHE A 64 17.76 18.17 -9.90
C PHE A 64 16.62 17.97 -8.93
N TYR A 65 15.49 17.51 -9.46
CA TYR A 65 14.35 17.21 -8.62
C TYR A 65 13.58 16.05 -9.25
N VAL A 66 12.71 15.45 -8.45
CA VAL A 66 11.88 14.35 -8.92
C VAL A 66 10.59 14.41 -8.12
N TYR A 67 9.49 13.98 -8.74
CA TYR A 67 8.23 14.02 -8.00
C TYR A 67 7.18 13.15 -8.66
N SER A 68 6.16 12.85 -7.87
CA SER A 68 4.91 12.32 -8.38
C SER A 68 3.79 13.07 -7.66
N SER A 69 2.56 12.58 -7.80
CA SER A 69 1.45 13.12 -7.02
C SER A 69 1.62 12.93 -5.53
N TYR A 70 2.60 12.12 -5.10
CA TYR A 70 2.66 11.62 -3.73
C TYR A 70 3.94 11.96 -2.99
N PHE A 71 4.92 12.58 -3.64
CA PHE A 71 6.14 12.98 -2.93
C PHE A 71 6.87 13.95 -3.86
N CYS A 72 7.85 14.65 -3.31
CA CYS A 72 8.83 15.31 -4.17
C CYS A 72 10.17 15.34 -3.44
N ALA A 73 11.24 15.41 -4.23
CA ALA A 73 12.58 15.38 -3.68
C ALA A 73 13.49 16.28 -4.49
N PHE A 74 14.30 17.07 -3.78
CA PHE A 74 15.16 18.09 -4.38
C PHE A 74 16.60 17.71 -4.11
N PHE A 75 17.37 17.46 -5.18
CA PHE A 75 18.70 16.86 -5.10
C PHE A 75 19.81 17.88 -5.26
N CYS A 76 20.84 17.72 -4.43
CA CYS A 76 22.09 18.48 -4.53
C CYS A 76 23.22 17.50 -4.68
N ASN A 77 24.10 17.73 -5.66
CA ASN A 77 25.32 16.95 -5.81
C ASN A 77 26.44 17.58 -5.00
N TYR A 78 27.25 16.75 -4.36
CA TYR A 78 28.38 17.25 -3.60
C TYR A 78 29.36 16.10 -3.42
N SER A 79 30.65 16.39 -3.65
CA SER A 79 31.73 15.40 -3.54
C SER A 79 31.38 14.20 -4.41
N ASN A 80 31.40 12.97 -3.88
CA ASN A 80 31.14 11.80 -4.72
C ASN A 80 29.66 11.40 -4.75
N GLY A 81 28.79 12.08 -4.02
CA GLY A 81 27.42 11.62 -3.89
C GLY A 81 26.39 12.73 -4.04
N CYS A 82 25.22 12.55 -3.42
CA CYS A 82 24.18 13.55 -3.50
C CYS A 82 23.27 13.40 -2.28
N VAL A 83 22.47 14.43 -2.04
CA VAL A 83 21.49 14.50 -0.97
C VAL A 83 20.17 14.96 -1.58
N ALA A 84 19.06 14.40 -1.12
CA ALA A 84 17.74 14.90 -1.47
C ALA A 84 17.03 15.40 -0.21
N TYR A 85 16.39 16.56 -0.34
CA TYR A 85 15.47 17.07 0.68
C TYR A 85 14.06 16.71 0.23
N VAL A 86 13.29 16.07 1.10
CA VAL A 86 12.12 15.30 0.67
C VAL A 86 10.86 15.86 1.34
N TYR A 87 9.75 15.92 0.59
CA TYR A 87 8.46 16.34 1.10
C TYR A 87 7.40 15.36 0.64
N GLY A 88 6.38 15.14 1.49
CA GLY A 88 5.24 14.35 1.05
C GLY A 88 4.23 15.19 0.29
N ARG A 89 3.43 14.52 -0.55
CA ARG A 89 2.35 15.15 -1.29
C ARG A 89 1.14 14.22 -1.29
N GLY A 90 -0.05 14.81 -1.44
CA GLY A 90 -1.25 14.03 -1.73
C GLY A 90 -1.60 13.00 -0.69
N ALA A 91 -1.37 13.30 0.60
CA ALA A 91 -1.59 12.45 1.77
C ALA A 91 -0.55 11.36 1.92
N PHE A 92 0.49 11.33 1.09
CA PHE A 92 1.52 10.31 1.19
C PHE A 92 2.88 10.93 1.57
N TYR A 93 3.85 10.06 1.77
CA TYR A 93 5.23 10.42 2.11
C TYR A 93 6.12 9.24 1.74
N LEU A 94 7.44 9.44 1.79
CA LEU A 94 8.36 8.36 1.48
C LEU A 94 8.70 7.55 2.74
N SER A 95 8.61 6.23 2.63
CA SER A 95 9.02 5.33 3.69
C SER A 95 10.50 5.51 4.01
N THR A 96 10.84 5.39 5.30
CA THR A 96 12.23 5.50 5.74
C THR A 96 13.00 4.19 5.63
N VAL A 97 12.46 3.20 4.92
CA VAL A 97 13.15 1.93 4.72
C VAL A 97 14.14 2.15 3.57
N SER A 98 15.42 2.39 3.91
CA SER A 98 16.40 2.71 2.87
C SER A 98 16.56 1.57 1.88
N GLY A 99 16.43 0.33 2.34
CA GLY A 99 16.48 -0.79 1.42
C GLY A 99 15.40 -0.75 0.35
N ASP A 100 14.35 0.04 0.55
CA ASP A 100 13.27 0.17 -0.41
C ASP A 100 13.41 1.38 -1.34
N ILE A 101 14.47 2.16 -1.20
CA ILE A 101 14.74 3.33 -2.04
C ILE A 101 15.97 3.01 -2.88
N LYS A 102 15.92 3.30 -4.17
CA LYS A 102 17.07 3.07 -5.04
C LYS A 102 17.23 4.27 -5.95
N LEU A 103 18.43 4.84 -6.00
CA LEU A 103 18.76 5.86 -6.97
C LEU A 103 19.75 5.24 -7.94
N ASN A 104 19.38 5.11 -9.21
CA ASN A 104 20.22 4.39 -10.17
C ASN A 104 20.64 3.03 -9.61
N SER A 105 19.68 2.33 -8.98
CA SER A 105 19.80 0.98 -8.43
C SER A 105 20.58 0.90 -7.13
N VAL A 106 20.81 2.02 -6.44
CA VAL A 106 21.60 2.02 -5.21
C VAL A 106 20.80 2.66 -4.08
N SER A 107 20.82 2.02 -2.90
CA SER A 107 20.11 2.55 -1.73
C SER A 107 20.88 3.66 -1.04
N PRO A 108 20.18 4.64 -0.49
CA PRO A 108 20.85 5.64 0.33
C PRO A 108 21.38 5.00 1.59
N ASN A 109 22.51 5.49 2.09
CA ASN A 109 23.02 4.97 3.35
C ASN A 109 22.61 5.80 4.54
N GLN A 110 22.05 7.01 4.33
CA GLN A 110 21.55 7.82 5.42
C GLN A 110 20.14 8.29 5.10
N ILE A 111 19.28 8.27 6.12
CA ILE A 111 17.94 8.84 6.04
C ILE A 111 17.67 9.57 7.35
N LEU A 112 17.33 10.86 7.27
CA LEU A 112 16.81 11.60 8.41
C LEU A 112 15.31 11.78 8.22
N ALA A 113 14.57 11.82 9.34
CA ALA A 113 13.13 11.64 9.27
C ALA A 113 12.41 12.48 10.31
N MET A 114 11.14 12.75 10.04
CA MET A 114 10.17 13.12 11.06
C MET A 114 9.55 11.84 11.60
N THR A 115 9.39 11.75 12.92
CA THR A 115 9.08 10.48 13.54
C THR A 115 7.85 10.56 14.45
N GLY A 116 7.22 9.41 14.62
CA GLY A 116 6.08 9.29 15.51
C GLY A 116 6.05 7.91 16.13
N GLY A 117 4.95 7.59 16.78
CA GLY A 117 4.85 6.34 17.53
C GLY A 117 5.15 5.10 16.72
N SER A 118 4.51 4.95 15.55
CA SER A 118 4.75 3.76 14.74
C SER A 118 5.20 4.06 13.32
N SER A 119 5.41 5.33 12.97
CA SER A 119 5.69 5.69 11.59
C SER A 119 6.80 6.72 11.54
N SER A 120 7.36 6.90 10.36
CA SER A 120 8.38 7.91 10.14
C SER A 120 8.45 8.21 8.66
N ALA A 121 8.77 9.46 8.32
CA ALA A 121 8.79 9.92 6.93
C ALA A 121 10.11 10.57 6.59
N VAL A 122 10.62 10.26 5.40
CA VAL A 122 11.90 10.81 4.94
C VAL A 122 11.80 12.32 4.81
N THR A 123 12.77 13.01 5.41
CA THR A 123 12.96 14.42 5.14
C THR A 123 14.30 14.72 4.50
N MET A 124 15.27 13.84 4.63
CA MET A 124 16.54 13.97 3.93
C MET A 124 17.13 12.58 3.75
N MET A 125 17.70 12.33 2.58
CA MET A 125 18.30 11.05 2.27
C MET A 125 19.53 11.29 1.41
N SER A 126 20.55 10.45 1.57
CA SER A 126 21.82 10.72 0.91
C SER A 126 22.45 9.43 0.44
N TRP A 127 23.30 9.59 -0.59
CA TRP A 127 24.11 8.54 -1.18
C TRP A 127 25.59 8.94 -1.07
N THR A 128 26.44 7.96 -0.77
CA THR A 128 27.87 8.28 -0.69
C THR A 128 28.50 8.39 -2.07
N SER A 129 28.02 7.62 -3.05
CA SER A 129 28.77 7.38 -4.26
C SER A 129 27.92 7.42 -5.52
N THR A 130 26.70 7.94 -5.43
CA THR A 130 25.75 7.97 -6.54
C THR A 130 25.36 9.42 -6.79
N LYS A 131 25.36 9.83 -8.06
CA LYS A 131 25.13 11.23 -8.38
C LYS A 131 23.72 11.40 -8.90
N ALA A 132 23.16 12.58 -8.69
CA ALA A 132 21.89 12.94 -9.29
C ALA A 132 22.13 13.47 -10.71
N ALA A 133 21.34 12.99 -11.67
CA ALA A 133 21.41 13.45 -13.05
C ALA A 133 20.04 13.33 -13.68
N GLU A 134 19.82 14.04 -14.77
CA GLU A 134 18.53 13.98 -15.44
C GLU A 134 18.35 12.61 -16.06
N GLY A 135 17.16 12.05 -15.90
CA GLY A 135 16.84 10.79 -16.53
C GLY A 135 17.11 9.56 -15.68
N ILE A 136 17.85 9.67 -14.59
CA ILE A 136 18.07 8.48 -13.78
C ILE A 136 16.87 8.27 -12.86
N SER A 137 16.68 7.01 -12.48
CA SER A 137 15.46 6.56 -11.81
C SER A 137 15.63 6.56 -10.30
N LEU A 138 14.63 7.10 -9.61
CA LEU A 138 14.45 6.93 -8.17
C LEU A 138 13.29 5.96 -7.96
N GLU A 139 13.59 4.85 -7.30
CA GLU A 139 12.59 3.87 -6.90
C GLU A 139 12.34 4.06 -5.41
N TYR A 140 11.10 3.87 -4.97
CA TYR A 140 10.78 4.25 -3.61
C TYR A 140 9.51 3.54 -3.19
N GLN A 141 9.24 3.59 -1.90
CA GLN A 141 7.99 3.11 -1.33
C GLN A 141 7.28 4.29 -0.70
N ARG A 142 6.08 4.59 -1.19
CA ARG A 142 5.27 5.67 -0.63
C ARG A 142 4.26 5.11 0.36
N LYS A 143 3.98 5.88 1.42
CA LYS A 143 3.11 5.43 2.50
C LYS A 143 2.13 6.53 2.86
N SER A 144 0.98 6.14 3.41
CA SER A 144 0.03 7.11 3.95
C SER A 144 -0.38 6.73 5.37
N LEU A 145 -0.39 7.73 6.27
CA LEU A 145 -0.80 7.52 7.65
C LEU A 145 -2.28 7.18 7.74
N ILE A 146 -3.06 7.57 6.74
CA ILE A 146 -4.51 7.45 6.82
C ILE A 146 -4.93 5.99 6.89
N ASN A 147 -4.40 5.18 5.99
CA ASN A 147 -4.82 3.78 5.88
C ASN A 147 -3.63 2.83 5.91
N SER A 148 -2.44 3.33 6.25
CA SER A 148 -1.22 2.53 6.35
C SER A 148 -0.87 1.84 5.04
N SER A 149 -1.26 2.44 3.92
CA SER A 149 -0.89 1.91 2.63
CA SER A 149 -0.89 1.92 2.62
C SER A 149 0.62 2.05 2.41
N SER A 150 1.18 1.09 1.68
CA SER A 150 2.58 1.11 1.27
C SER A 150 2.61 0.68 -0.20
N ILE A 151 3.11 1.55 -1.07
CA ILE A 151 2.98 1.35 -2.52
C ILE A 151 4.32 1.64 -3.19
N SER A 152 4.77 0.73 -4.04
CA SER A 152 5.99 0.97 -4.83
C SER A 152 5.75 2.04 -5.88
N GLY A 153 6.78 2.84 -6.15
CA GLY A 153 6.70 3.79 -7.23
C GLY A 153 8.08 4.01 -7.80
N SER A 154 8.11 4.67 -8.96
CA SER A 154 9.39 5.06 -9.54
C SER A 154 9.20 6.32 -10.36
N ALA A 155 10.23 7.15 -10.41
CA ALA A 155 10.14 8.41 -11.12
C ALA A 155 11.52 8.83 -11.55
N SER A 156 11.57 9.63 -12.60
CA SER A 156 12.80 10.04 -13.25
C SER A 156 13.22 11.43 -12.76
N LEU A 157 14.51 11.59 -12.48
CA LEU A 157 15.01 12.90 -12.11
C LEU A 157 15.02 13.85 -13.30
N VAL A 158 14.76 15.12 -13.02
CA VAL A 158 14.69 16.18 -14.02
C VAL A 158 15.59 17.34 -13.58
N SER A 159 16.18 18.02 -14.57
CA SER A 159 17.00 19.19 -14.29
C SER A 159 16.20 20.30 -13.63
N ALA A 160 16.76 20.92 -12.60
CA ALA A 160 16.10 22.03 -11.95
C ALA A 160 15.85 23.15 -12.96
N PRO A 161 14.77 23.93 -12.78
CA PRO A 161 14.51 24.99 -13.76
C PRO A 161 15.48 26.16 -13.66
N ASN B 43 8.50 34.55 -21.10
CA ASN B 43 7.14 34.42 -20.57
C ASN B 43 6.65 35.75 -20.01
N GLY B 44 7.52 36.77 -20.11
CA GLY B 44 7.22 38.14 -19.73
C GLY B 44 7.40 38.46 -18.27
N VAL B 45 7.28 37.46 -17.40
CA VAL B 45 7.40 37.64 -15.96
C VAL B 45 8.16 36.45 -15.41
N GLY B 46 9.00 36.68 -14.40
CA GLY B 46 9.76 35.58 -13.83
C GLY B 46 10.08 35.73 -12.36
N LEU B 47 10.12 34.61 -11.62
CA LEU B 47 10.54 34.64 -10.23
C LEU B 47 12.02 35.00 -10.18
N LYS B 48 12.40 35.86 -9.23
CA LYS B 48 13.82 36.05 -8.98
C LYS B 48 14.42 34.73 -8.50
N SER B 49 15.74 34.59 -8.66
CA SER B 49 16.40 33.37 -8.21
C SER B 49 16.28 33.17 -6.70
N THR B 50 16.10 34.28 -5.95
CA THR B 50 15.93 34.23 -4.50
C THR B 50 14.47 34.35 -4.07
N ALA B 51 13.53 33.97 -4.94
CA ALA B 51 12.13 34.02 -4.56
C ALA B 51 11.85 33.19 -3.33
N TRP B 52 12.61 32.10 -3.13
CA TRP B 52 12.41 31.26 -1.95
C TRP B 52 12.55 32.05 -0.65
N ILE B 53 13.37 33.12 -0.66
CA ILE B 53 13.46 33.97 0.53
C ILE B 53 12.13 34.62 0.84
N ASN B 54 11.51 35.25 -0.16
CA ASN B 54 10.20 35.88 0.05
C ASN B 54 9.17 34.86 0.51
N VAL B 55 9.15 33.69 -0.14
CA VAL B 55 8.11 32.71 0.14
C VAL B 55 8.27 32.14 1.55
N MET B 56 9.49 31.76 1.91
CA MET B 56 9.72 31.13 3.21
C MET B 56 9.54 32.13 4.36
N CYS B 57 9.98 33.39 4.16
CA CYS B 57 9.67 34.42 5.16
C CYS B 57 8.16 34.58 5.35
N GLY B 58 7.41 34.54 4.25
CA GLY B 58 5.96 34.58 4.38
C GLY B 58 5.43 33.35 5.09
N LEU B 59 5.92 32.17 4.70
CA LEU B 59 5.45 30.91 5.26
C LEU B 59 5.54 30.88 6.78
N HIS B 60 6.67 31.33 7.32
CA HIS B 60 6.91 31.28 8.76
C HIS B 60 6.61 32.60 9.44
N ASN B 61 6.12 33.60 8.70
CA ASN B 61 5.84 34.92 9.25
C ASN B 61 7.09 35.52 9.90
N ALA B 62 8.24 35.36 9.23
CA ALA B 62 9.54 35.76 9.76
C ALA B 62 9.87 37.21 9.43
N THR B 63 10.55 37.88 10.35
CA THR B 63 11.01 39.26 10.13
C THR B 63 12.49 39.36 9.78
N PHE B 64 13.25 38.29 9.99
CA PHE B 64 14.64 38.26 9.59
C PHE B 64 14.96 36.88 9.06
N TYR B 65 16.02 36.80 8.28
CA TYR B 65 16.50 35.54 7.77
C TYR B 65 18.01 35.62 7.65
N VAL B 66 18.63 34.47 7.38
CA VAL B 66 20.07 34.38 7.19
C VAL B 66 20.32 33.13 6.37
N TYR B 67 21.35 33.18 5.52
CA TYR B 67 21.63 31.97 4.76
C TYR B 67 23.04 31.98 4.19
N SER B 68 23.45 30.80 3.75
CA SER B 68 24.66 30.61 2.99
C SER B 68 24.34 29.60 1.89
N SER B 69 25.37 29.15 1.17
CA SER B 69 25.13 28.11 0.18
C SER B 69 24.66 26.81 0.83
N TYR B 70 24.72 26.70 2.15
CA TYR B 70 24.60 25.41 2.83
C TYR B 70 23.47 25.32 3.84
N PHE B 71 22.75 26.41 4.10
CA PHE B 71 21.62 26.42 5.01
C PHE B 71 20.87 27.72 4.82
N CYS B 72 19.63 27.76 5.31
CA CYS B 72 18.96 29.02 5.53
C CYS B 72 18.13 28.93 6.80
N ALA B 73 17.83 30.08 7.39
CA ALA B 73 17.09 30.10 8.64
C ALA B 73 16.22 31.34 8.67
N PHE B 74 14.95 31.17 9.05
CA PHE B 74 13.95 32.22 9.04
C PHE B 74 13.51 32.48 10.48
N PHE B 75 13.74 33.72 10.95
CA PHE B 75 13.63 34.08 12.37
C PHE B 75 12.35 34.84 12.66
N CYS B 76 11.70 34.49 13.78
CA CYS B 76 10.60 35.26 14.34
C CYS B 76 10.93 35.68 15.77
N ASN B 77 10.58 36.91 16.12
CA ASN B 77 10.74 37.40 17.49
C ASN B 77 9.43 37.22 18.25
N TYR B 78 9.55 36.92 19.54
CA TYR B 78 8.37 36.75 20.37
C TYR B 78 8.79 36.82 21.83
N SER B 79 7.95 37.46 22.64
CA SER B 79 8.26 37.67 24.05
C SER B 79 9.67 38.24 24.14
N ASN B 80 10.58 37.60 24.88
CA ASN B 80 11.92 38.15 25.02
C ASN B 80 12.96 37.45 24.14
N GLY B 81 12.55 36.49 23.31
CA GLY B 81 13.53 35.78 22.48
C GLY B 81 13.12 35.63 21.03
N CYS B 82 13.68 34.62 20.35
CA CYS B 82 13.39 34.41 18.94
C CYS B 82 13.49 32.92 18.60
N VAL B 83 12.91 32.57 17.46
CA VAL B 83 12.90 31.19 16.96
C VAL B 83 13.30 31.25 15.50
N ALA B 84 14.13 30.30 15.06
CA ALA B 84 14.45 30.16 13.66
C ALA B 84 13.95 28.82 13.12
N TYR B 85 13.33 28.85 11.95
CA TYR B 85 12.95 27.65 11.23
C TYR B 85 14.01 27.41 10.16
N VAL B 86 14.57 26.21 10.16
CA VAL B 86 15.87 25.94 9.51
C VAL B 86 15.73 24.92 8.40
N TYR B 87 16.41 25.17 7.29
CA TYR B 87 16.47 24.30 6.13
C TYR B 87 17.91 24.13 5.67
N GLY B 88 18.25 22.91 5.24
CA GLY B 88 19.57 22.68 4.66
C GLY B 88 19.62 23.07 3.20
N ARG B 89 20.82 23.40 2.72
CA ARG B 89 21.01 23.72 1.31
C ARG B 89 22.28 23.06 0.81
N GLY B 90 22.33 22.83 -0.49
CA GLY B 90 23.59 22.46 -1.14
C GLY B 90 24.21 21.19 -0.59
N ALA B 91 23.39 20.20 -0.24
CA ALA B 91 23.74 18.91 0.35
C ALA B 91 24.24 19.00 1.79
N PHE B 92 24.14 20.16 2.44
CA PHE B 92 24.52 20.31 3.84
C PHE B 92 23.29 20.57 4.71
N TYR B 93 23.54 20.64 6.01
CA TYR B 93 22.53 20.89 7.03
C TYR B 93 23.27 21.42 8.25
N LEU B 94 22.52 21.91 9.23
CA LEU B 94 23.14 22.46 10.43
C LEU B 94 23.24 21.41 11.51
N SER B 95 24.43 21.30 12.12
CA SER B 95 24.66 20.40 13.24
C SER B 95 23.78 20.75 14.43
N THR B 96 23.27 19.73 15.11
CA THR B 96 22.48 19.90 16.32
C THR B 96 23.33 19.82 17.58
N VAL B 97 24.65 19.63 17.43
CA VAL B 97 25.50 19.39 18.58
C VAL B 97 25.51 20.63 19.47
N SER B 98 25.39 20.41 20.78
CA SER B 98 25.39 21.55 21.69
C SER B 98 26.74 22.25 21.62
N GLY B 99 26.70 23.58 21.68
CA GLY B 99 27.90 24.40 21.56
C GLY B 99 28.25 24.81 20.13
N ASP B 100 27.65 24.16 19.14
CA ASP B 100 27.96 24.40 17.74
C ASP B 100 27.27 25.65 17.18
N ILE B 101 26.26 26.21 17.85
CA ILE B 101 25.46 27.31 17.31
C ILE B 101 25.47 28.48 18.28
N LYS B 102 25.73 29.69 17.75
CA LYS B 102 25.66 30.92 18.53
C LYS B 102 24.90 31.98 17.76
N LEU B 103 23.99 32.67 18.44
CA LEU B 103 23.38 33.88 17.90
C LEU B 103 23.79 35.04 18.81
N ASN B 104 24.52 36.01 18.26
CA ASN B 104 24.97 37.14 19.08
C ASN B 104 25.69 36.65 20.32
N SER B 105 26.44 35.56 20.16
CA SER B 105 27.28 34.93 21.18
C SER B 105 26.50 34.14 22.22
N VAL B 106 25.24 33.79 21.97
CA VAL B 106 24.41 33.04 22.92
C VAL B 106 24.01 31.73 22.26
N SER B 107 24.11 30.63 23.02
CA SER B 107 23.65 29.34 22.52
C SER B 107 22.13 29.26 22.58
N PRO B 108 21.52 28.51 21.66
CA PRO B 108 20.06 28.29 21.73
C PRO B 108 19.66 27.50 22.95
N ASN B 109 18.46 27.77 23.46
CA ASN B 109 17.95 26.94 24.56
C ASN B 109 17.30 25.65 24.07
N GLN B 110 16.80 25.59 22.83
CA GLN B 110 16.21 24.36 22.30
C GLN B 110 16.53 24.21 20.82
N ILE B 111 16.73 22.96 20.40
CA ILE B 111 16.93 22.59 19.00
C ILE B 111 16.00 21.41 18.72
N LEU B 112 15.10 21.57 17.75
CA LEU B 112 14.36 20.42 17.24
C LEU B 112 14.98 19.94 15.93
N ALA B 113 14.85 18.65 15.66
CA ALA B 113 15.61 18.03 14.58
C ALA B 113 14.80 16.97 13.85
N MET B 114 15.20 16.75 12.60
CA MET B 114 14.98 15.53 11.86
C MET B 114 16.12 14.57 12.18
N THR B 115 15.77 13.30 12.42
CA THR B 115 16.69 12.36 13.05
C THR B 115 16.79 11.06 12.26
N GLY B 116 17.91 10.37 12.44
CA GLY B 116 18.13 9.06 11.85
C GLY B 116 19.39 8.44 12.38
N GLY B 117 19.30 7.24 12.98
CA GLY B 117 20.48 6.74 13.68
C GLY B 117 20.92 7.75 14.71
N SER B 118 22.24 7.98 14.79
CA SER B 118 22.76 9.00 15.70
C SER B 118 22.91 10.36 15.02
N SER B 119 22.49 10.49 13.77
CA SER B 119 22.59 11.75 13.03
C SER B 119 21.32 12.57 13.21
N SER B 120 21.47 13.89 13.12
CA SER B 120 20.31 14.76 13.22
C SER B 120 20.65 16.12 12.63
N ALA B 121 19.62 16.79 12.09
CA ALA B 121 19.78 18.09 11.44
C ALA B 121 18.79 19.07 12.04
N VAL B 122 19.26 20.28 12.34
CA VAL B 122 18.39 21.30 12.92
C VAL B 122 17.22 21.60 12.00
N THR B 123 16.00 21.54 12.55
CA THR B 123 14.82 22.03 11.84
C THR B 123 14.18 23.23 12.52
N MET B 124 14.43 23.44 13.81
CA MET B 124 13.94 24.61 14.53
C MET B 124 14.83 24.82 15.73
N MET B 125 15.04 26.08 16.10
CA MET B 125 15.98 26.41 17.17
C MET B 125 15.58 27.75 17.76
N SER B 126 15.86 27.95 19.05
CA SER B 126 15.27 29.06 19.78
C SER B 126 16.26 29.66 20.77
N TRP B 127 15.96 30.89 21.20
CA TRP B 127 16.71 31.61 22.22
C TRP B 127 15.72 32.19 23.23
N THR B 128 15.95 31.96 24.52
CA THR B 128 15.00 32.47 25.52
C THR B 128 15.03 33.99 25.58
N SER B 129 16.19 34.58 25.34
CA SER B 129 16.44 35.95 25.78
C SER B 129 17.17 36.77 24.74
N THR B 130 17.33 36.26 23.52
CA THR B 130 18.11 36.89 22.48
C THR B 130 17.19 37.17 21.31
N LYS B 131 17.23 38.40 20.79
CA LYS B 131 16.42 38.82 19.67
C LYS B 131 17.14 38.64 18.34
N ALA B 132 16.36 38.38 17.31
CA ALA B 132 16.84 38.51 15.94
C ALA B 132 16.79 39.97 15.53
N ALA B 133 17.85 40.43 14.87
CA ALA B 133 17.94 41.82 14.46
C ALA B 133 18.99 41.90 13.36
N GLU B 134 18.91 42.96 12.55
CA GLU B 134 19.75 43.03 11.36
C GLU B 134 21.21 43.14 11.74
N GLY B 135 22.05 42.37 11.04
CA GLY B 135 23.47 42.44 11.22
C GLY B 135 24.05 41.52 12.27
N ILE B 136 23.23 40.97 13.18
CA ILE B 136 23.80 40.14 14.23
C ILE B 136 24.25 38.81 13.62
N SER B 137 25.20 38.18 14.28
CA SER B 137 25.91 37.06 13.70
C SER B 137 25.35 35.74 14.21
N LEU B 138 25.10 34.81 13.29
CA LEU B 138 24.81 33.42 13.60
C LEU B 138 26.05 32.61 13.29
N GLU B 139 26.61 31.95 14.30
CA GLU B 139 27.70 31.02 14.12
C GLU B 139 27.15 29.60 14.17
N TYR B 140 27.68 28.73 13.32
CA TYR B 140 27.11 27.40 13.16
C TYR B 140 28.17 26.43 12.68
N GLN B 141 27.83 25.14 12.72
CA GLN B 141 28.62 24.07 12.12
C GLN B 141 27.77 23.37 11.08
N ARG B 142 28.26 23.35 9.84
CA ARG B 142 27.51 22.71 8.76
C ARG B 142 28.08 21.33 8.49
N LYS B 143 27.20 20.38 8.19
CA LYS B 143 27.57 18.99 7.97
C LYS B 143 26.90 18.46 6.73
N SER B 144 27.44 17.37 6.19
CA SER B 144 26.84 16.69 5.06
C SER B 144 26.88 15.18 5.26
N LEU B 145 25.74 14.54 5.02
CA LEU B 145 25.62 13.09 5.14
C LEU B 145 26.47 12.35 4.12
N ILE B 146 26.83 13.00 3.02
CA ILE B 146 27.50 12.29 1.92
C ILE B 146 28.85 11.76 2.37
N ASN B 147 29.62 12.60 3.05
CA ASN B 147 30.99 12.26 3.42
C ASN B 147 31.34 12.69 4.84
N SER B 148 30.35 13.03 5.66
CA SER B 148 30.52 13.38 7.07
C SER B 148 31.36 14.63 7.26
N SER B 149 31.37 15.54 6.28
CA SER B 149 32.06 16.80 6.48
C SER B 149 31.41 17.58 7.62
N SER B 150 32.23 18.37 8.30
CA SER B 150 31.80 19.19 9.42
C SER B 150 32.67 20.43 9.42
N ILE B 151 32.07 21.59 9.17
CA ILE B 151 32.80 22.81 8.84
C ILE B 151 32.14 23.97 9.56
N SER B 152 32.95 24.85 10.15
CA SER B 152 32.37 25.99 10.84
C SER B 152 32.04 27.10 9.85
N GLY B 153 31.08 27.94 10.22
CA GLY B 153 30.71 29.07 9.38
C GLY B 153 30.00 30.10 10.23
N SER B 154 29.79 31.27 9.64
CA SER B 154 28.94 32.26 10.28
C SER B 154 28.32 33.13 9.20
N ALA B 155 27.18 33.71 9.54
CA ALA B 155 26.47 34.56 8.58
C ALA B 155 25.63 35.57 9.35
N SER B 156 25.32 36.69 8.69
CA SER B 156 24.65 37.80 9.35
C SER B 156 23.17 37.86 8.97
N LEU B 157 22.33 38.15 9.97
CA LEU B 157 20.90 38.26 9.75
C LEU B 157 20.56 39.46 8.87
N VAL B 158 19.54 39.29 8.03
CA VAL B 158 19.06 40.31 7.11
C VAL B 158 17.56 40.51 7.34
N SER B 159 17.10 41.76 7.26
CA SER B 159 15.66 42.03 7.33
C SER B 159 14.92 41.28 6.24
N ALA B 160 13.75 40.75 6.61
CA ALA B 160 12.90 40.09 5.63
C ALA B 160 12.48 41.10 4.56
N PRO B 161 12.28 40.66 3.31
CA PRO B 161 11.86 41.59 2.26
C PRO B 161 10.42 42.06 2.45
N ASN C 43 9.33 46.95 -9.90
CA ASN C 43 9.39 45.68 -10.63
C ASN C 43 8.12 45.46 -11.45
N GLY C 44 7.10 46.30 -11.21
CA GLY C 44 5.83 46.24 -11.93
C GLY C 44 4.96 45.05 -11.60
N VAL C 45 5.44 44.13 -10.78
CA VAL C 45 4.70 42.94 -10.40
C VAL C 45 5.21 42.55 -9.03
N GLY C 46 4.35 41.93 -8.23
CA GLY C 46 4.74 41.60 -6.87
C GLY C 46 4.09 40.31 -6.42
N LEU C 47 4.77 39.62 -5.52
CA LEU C 47 4.16 38.50 -4.82
C LEU C 47 3.19 39.03 -3.78
N LYS C 48 2.00 38.45 -3.73
CA LYS C 48 1.11 38.78 -2.62
C LYS C 48 1.70 38.29 -1.31
N SER C 49 1.30 38.94 -0.22
CA SER C 49 1.84 38.59 1.09
C SER C 49 1.56 37.14 1.46
N THR C 50 0.45 36.59 0.95
CA THR C 50 0.08 35.20 1.20
C THR C 50 0.49 34.28 0.06
N ALA C 51 1.49 34.66 -0.74
CA ALA C 51 1.93 33.78 -1.83
C ALA C 51 2.34 32.42 -1.30
N TRP C 52 2.82 32.35 -0.06
CA TRP C 52 3.23 31.07 0.52
C TRP C 52 2.08 30.07 0.53
N ILE C 53 0.83 30.53 0.69
CA ILE C 53 -0.30 29.60 0.68
C ILE C 53 -0.39 28.89 -0.68
N ASN C 54 -0.36 29.67 -1.76
CA ASN C 54 -0.36 29.11 -3.10
C ASN C 54 0.79 28.15 -3.29
N VAL C 55 1.99 28.57 -2.87
CA VAL C 55 3.19 27.75 -3.09
C VAL C 55 3.07 26.42 -2.35
N MET C 56 2.78 26.47 -1.06
CA MET C 56 2.76 25.27 -0.22
C MET C 56 1.56 24.37 -0.53
N CYS C 57 0.40 24.93 -0.91
CA CYS C 57 -0.69 24.08 -1.37
C CYS C 57 -0.24 23.27 -2.58
N GLY C 58 0.48 23.92 -3.50
CA GLY C 58 1.02 23.19 -4.64
C GLY C 58 2.07 22.19 -4.21
N LEU C 59 2.98 22.60 -3.32
CA LEU C 59 4.04 21.71 -2.85
C LEU C 59 3.46 20.38 -2.39
N HIS C 60 2.38 20.44 -1.61
CA HIS C 60 1.82 19.25 -0.97
C HIS C 60 0.65 18.69 -1.71
N ASN C 61 0.27 19.31 -2.85
CA ASN C 61 -0.86 18.84 -3.63
C ASN C 61 -2.11 18.86 -2.75
N ALA C 62 -2.24 19.91 -1.96
CA ALA C 62 -3.29 20.02 -0.96
C ALA C 62 -4.54 20.63 -1.56
N THR C 63 -5.71 20.20 -1.06
CA THR C 63 -6.96 20.80 -1.49
C THR C 63 -7.60 21.69 -0.43
N PHE C 64 -7.10 21.65 0.81
CA PHE C 64 -7.50 22.58 1.85
C PHE C 64 -6.29 23.01 2.66
N TYR C 65 -6.43 24.15 3.33
CA TYR C 65 -5.39 24.62 4.21
C TYR C 65 -6.04 25.38 5.36
N VAL C 66 -5.24 25.68 6.37
CA VAL C 66 -5.72 26.41 7.54
C VAL C 66 -4.50 27.03 8.19
N TYR C 67 -4.68 28.22 8.76
CA TYR C 67 -3.54 28.90 9.37
C TYR C 67 -3.99 29.97 10.33
N SER C 68 -3.06 30.36 11.18
CA SER C 68 -3.15 31.57 12.00
C SER C 68 -1.79 32.25 11.93
N SER C 69 -1.58 33.26 12.78
CA SER C 69 -0.27 33.89 12.87
C SER C 69 0.79 32.94 13.39
N TYR C 70 0.40 31.75 13.85
CA TYR C 70 1.28 30.87 14.62
C TYR C 70 1.47 29.48 14.03
N PHE C 71 0.77 29.13 12.95
CA PHE C 71 0.97 27.82 12.34
C PHE C 71 0.29 27.85 10.99
N CYS C 72 0.60 26.85 10.17
CA CYS C 72 -0.23 26.57 9.01
C CYS C 72 -0.18 25.08 8.73
N ALA C 73 -1.23 24.60 8.07
CA ALA C 73 -1.38 23.19 7.79
C ALA C 73 -2.04 23.04 6.43
N PHE C 74 -1.52 22.12 5.62
CA PHE C 74 -1.98 21.89 4.27
C PHE C 74 -2.53 20.47 4.18
N PHE C 75 -3.83 20.37 3.85
CA PHE C 75 -4.60 19.14 3.97
C PHE C 75 -4.81 18.46 2.61
N CYS C 76 -4.70 17.14 2.60
CA CYS C 76 -5.06 16.29 1.48
C CYS C 76 -6.05 15.24 1.94
N ASN C 77 -7.14 15.08 1.20
CA ASN C 77 -8.06 13.99 1.46
C ASN C 77 -7.62 12.76 0.69
N TYR C 78 -7.81 11.58 1.30
CA TYR C 78 -7.48 10.30 0.69
C TYR C 78 -8.19 9.21 1.47
N SER C 79 -8.71 8.22 0.75
CA SER C 79 -9.46 7.11 1.36
C SER C 79 -10.57 7.72 2.22
N ASN C 80 -10.77 7.27 3.45
CA ASN C 80 -11.84 7.82 4.27
C ASN C 80 -11.40 8.99 5.15
N GLY C 81 -10.14 9.39 5.07
CA GLY C 81 -9.66 10.43 5.96
C GLY C 81 -8.82 11.51 5.33
N CYS C 82 -7.89 12.09 6.08
CA CYS C 82 -7.08 13.18 5.55
C CYS C 82 -5.77 13.26 6.31
N VAL C 83 -4.85 14.02 5.73
CA VAL C 83 -3.51 14.25 6.29
C VAL C 83 -3.20 15.73 6.15
N ALA C 84 -2.51 16.30 7.14
CA ALA C 84 -2.05 17.67 7.07
C ALA C 84 -0.53 17.69 7.22
N TYR C 85 0.13 18.45 6.35
CA TYR C 85 1.54 18.79 6.50
C TYR C 85 1.61 20.14 7.19
N VAL C 86 2.39 20.21 8.28
CA VAL C 86 2.25 21.27 9.27
C VAL C 86 3.55 22.06 9.39
N TYR C 87 3.43 23.40 9.45
CA TYR C 87 4.55 24.29 9.66
C TYR C 87 4.24 25.25 10.80
N GLY C 88 5.26 25.57 11.61
CA GLY C 88 5.09 26.61 12.61
C GLY C 88 5.26 27.99 12.02
N ARG C 89 4.71 28.99 12.70
CA ARG C 89 4.82 30.38 12.29
C ARG C 89 4.98 31.26 13.52
N GLY C 90 5.60 32.40 13.33
CA GLY C 90 5.63 33.41 14.39
C GLY C 90 6.20 32.94 15.70
N ALA C 91 7.25 32.10 15.64
CA ALA C 91 7.97 31.53 16.78
C ALA C 91 7.19 30.43 17.49
N PHE C 92 6.05 30.03 16.95
CA PHE C 92 5.23 29.00 17.56
C PHE C 92 5.21 27.75 16.69
N TYR C 93 4.64 26.68 17.28
CA TYR C 93 4.49 25.39 16.64
C TYR C 93 3.30 24.70 17.31
N LEU C 94 2.86 23.57 16.75
CA LEU C 94 1.74 22.83 17.30
C LEU C 94 2.21 21.71 18.22
N SER C 95 1.62 21.65 19.42
CA SER C 95 1.91 20.61 20.39
C SER C 95 1.62 19.22 19.83
N THR C 96 2.48 18.27 20.18
CA THR C 96 2.32 16.88 19.76
C THR C 96 1.57 16.04 20.77
N VAL C 97 1.20 16.61 21.93
CA VAL C 97 0.57 15.85 22.99
C VAL C 97 -0.78 15.35 22.52
N SER C 98 -1.03 14.06 22.71
CA SER C 98 -2.27 13.47 22.25
C SER C 98 -3.46 14.10 22.95
N GLY C 99 -4.49 14.42 22.17
CA GLY C 99 -5.65 15.11 22.69
C GLY C 99 -5.60 16.62 22.53
N ASP C 100 -4.42 17.20 22.31
CA ASP C 100 -4.33 18.65 22.14
C ASP C 100 -4.86 19.14 20.80
N ILE C 101 -5.08 18.26 19.83
CA ILE C 101 -5.49 18.67 18.48
C ILE C 101 -6.81 17.99 18.14
N LYS C 102 -7.73 18.74 17.55
CA LYS C 102 -9.01 18.22 17.11
C LYS C 102 -9.36 18.80 15.75
N LEU C 103 -9.86 17.95 14.86
CA LEU C 103 -10.41 18.35 13.58
C LEU C 103 -11.89 17.98 13.60
N ASN C 104 -12.76 18.98 13.61
CA ASN C 104 -14.20 18.70 13.69
C ASN C 104 -14.49 17.81 14.90
N SER C 105 -13.78 18.10 16.00
CA SER C 105 -13.90 17.51 17.33
C SER C 105 -13.16 16.19 17.46
N VAL C 106 -12.49 15.70 16.42
CA VAL C 106 -11.86 14.38 16.44
C VAL C 106 -10.34 14.55 16.48
N SER C 107 -9.66 13.81 17.37
CA SER C 107 -8.22 13.93 17.47
C SER C 107 -7.54 13.10 16.39
N PRO C 108 -6.35 13.51 15.95
CA PRO C 108 -5.66 12.74 14.90
C PRO C 108 -5.23 11.36 15.41
N ASN C 109 -5.17 10.43 14.47
CA ASN C 109 -4.76 9.06 14.79
C ASN C 109 -3.25 8.91 14.84
N GLN C 110 -2.53 9.68 14.02
CA GLN C 110 -1.08 9.63 14.04
C GLN C 110 -0.53 11.03 13.90
N ILE C 111 0.64 11.24 14.51
CA ILE C 111 1.37 12.50 14.46
C ILE C 111 2.84 12.18 14.24
N LEU C 112 3.46 12.75 13.22
CA LEU C 112 4.91 12.74 13.07
C LEU C 112 5.46 14.12 13.47
N ALA C 113 6.68 14.14 14.00
CA ALA C 113 7.19 15.38 14.57
C ALA C 113 8.68 15.54 14.30
N MET C 114 9.12 16.80 14.38
CA MET C 114 10.53 17.08 14.64
C MET C 114 10.71 17.09 16.16
N THR C 115 11.87 16.61 16.62
CA THR C 115 12.01 16.27 18.03
C THR C 115 13.28 16.85 18.64
N GLY C 116 13.20 17.12 19.95
CA GLY C 116 14.32 17.62 20.70
C GLY C 116 14.34 17.03 22.09
N GLY C 117 15.32 17.48 22.89
CA GLY C 117 15.47 16.93 24.22
C GLY C 117 14.30 17.21 25.14
N SER C 118 13.59 18.33 24.93
CA SER C 118 12.51 18.74 25.82
C SER C 118 11.18 18.96 25.12
N SER C 119 11.16 19.07 23.79
CA SER C 119 9.95 19.43 23.06
C SER C 119 9.89 18.65 21.76
N SER C 120 8.74 18.73 21.10
CA SER C 120 8.56 18.17 19.77
C SER C 120 7.43 18.92 19.11
N ALA C 121 7.50 19.08 17.80
CA ALA C 121 6.55 19.90 17.05
C ALA C 121 5.94 19.09 15.92
N VAL C 122 4.63 19.21 15.73
CA VAL C 122 3.94 18.45 14.69
C VAL C 122 4.46 18.86 13.32
N THR C 123 4.78 17.87 12.49
CA THR C 123 5.07 18.10 11.08
C THR C 123 4.09 17.39 10.15
N MET C 124 3.42 16.35 10.61
CA MET C 124 2.42 15.66 9.83
C MET C 124 1.39 15.13 10.81
N MET C 125 0.11 15.19 10.47
CA MET C 125 -0.90 14.59 11.33
C MET C 125 -1.99 14.02 10.44
N SER C 126 -2.60 12.94 10.88
CA SER C 126 -3.56 12.23 10.04
C SER C 126 -4.82 11.89 10.81
N TRP C 127 -5.89 11.72 10.03
CA TRP C 127 -7.19 11.27 10.53
C TRP C 127 -7.63 10.10 9.67
N THR C 128 -7.90 8.97 10.31
CA THR C 128 -8.28 7.77 9.59
C THR C 128 -9.67 7.92 8.95
N SER C 129 -10.58 8.63 9.61
CA SER C 129 -11.98 8.59 9.21
C SER C 129 -12.65 9.96 9.18
N THR C 130 -11.87 11.04 9.20
CA THR C 130 -12.41 12.39 9.12
C THR C 130 -11.83 13.09 7.89
N LYS C 131 -12.72 13.50 6.97
CA LYS C 131 -12.38 14.35 5.82
C LYS C 131 -12.06 15.79 6.17
N ALA C 132 -11.11 16.36 5.43
CA ALA C 132 -10.97 17.81 5.33
C ALA C 132 -12.11 18.36 4.47
N ALA C 133 -12.70 19.47 4.94
CA ALA C 133 -13.78 20.14 4.23
C ALA C 133 -13.78 21.61 4.63
N GLU C 134 -14.37 22.44 3.79
CA GLU C 134 -14.32 23.87 4.03
C GLU C 134 -15.10 24.23 5.28
N GLY C 135 -14.51 25.09 6.11
CA GLY C 135 -15.16 25.63 7.28
C GLY C 135 -15.05 24.82 8.56
N ILE C 136 -14.62 23.55 8.49
CA ILE C 136 -14.50 22.77 9.71
C ILE C 136 -13.34 23.31 10.55
N SER C 137 -13.46 23.13 11.86
CA SER C 137 -12.55 23.75 12.81
C SER C 137 -11.41 22.81 13.16
N LEU C 138 -10.16 23.29 13.00
CA LEU C 138 -9.00 22.68 13.60
C LEU C 138 -8.70 23.38 14.92
N GLU C 139 -8.70 22.62 16.02
CA GLU C 139 -8.31 23.11 17.34
C GLU C 139 -6.93 22.58 17.70
N TYR C 140 -6.18 23.39 18.44
CA TYR C 140 -4.81 23.00 18.72
C TYR C 140 -4.32 23.74 19.96
N GLN C 141 -3.24 23.22 20.53
CA GLN C 141 -2.41 23.96 21.47
C GLN C 141 -1.19 24.42 20.71
N ARG C 142 -0.90 25.72 20.74
CA ARG C 142 0.32 26.23 20.15
C ARG C 142 1.35 26.46 21.25
N LYS C 143 2.60 26.11 20.97
CA LYS C 143 3.67 26.27 21.93
C LYS C 143 4.81 27.02 21.26
N SER C 144 5.75 27.50 22.06
CA SER C 144 6.92 28.19 21.54
C SER C 144 8.14 27.69 22.30
N LEU C 145 9.21 27.41 21.54
CA LEU C 145 10.44 26.94 22.16
C LEU C 145 11.04 28.00 23.06
N ILE C 146 10.62 29.26 22.92
CA ILE C 146 11.20 30.35 23.71
C ILE C 146 10.86 30.18 25.19
N ASN C 147 9.68 29.67 25.51
CA ASN C 147 9.27 29.59 26.91
C ASN C 147 8.43 28.34 27.10
N SER C 148 7.68 28.28 28.19
CA SER C 148 6.89 27.09 28.50
C SER C 148 5.40 27.34 28.31
N SER C 149 5.04 28.37 27.56
CA SER C 149 3.65 28.71 27.35
C SER C 149 2.95 27.66 26.49
N SER C 150 1.62 27.63 26.61
CA SER C 150 0.77 26.76 25.79
C SER C 150 -0.56 27.49 25.65
N ILE C 151 -0.98 27.75 24.41
CA ILE C 151 -2.14 28.60 24.16
C ILE C 151 -3.11 27.86 23.26
N SER C 152 -4.39 27.85 23.65
CA SER C 152 -5.44 27.28 22.82
C SER C 152 -5.68 28.13 21.59
N GLY C 153 -5.84 27.48 20.45
CA GLY C 153 -6.22 28.18 19.24
C GLY C 153 -7.18 27.34 18.44
N SER C 154 -7.84 27.99 17.49
CA SER C 154 -8.66 27.28 16.53
C SER C 154 -8.73 28.10 15.26
N ALA C 155 -8.85 27.40 14.14
CA ALA C 155 -8.97 28.06 12.84
C ALA C 155 -9.75 27.14 11.91
N SER C 156 -10.36 27.72 10.89
CA SER C 156 -11.23 26.98 9.97
C SER C 156 -10.52 26.66 8.66
N LEU C 157 -10.80 25.47 8.15
CA LEU C 157 -10.20 25.05 6.89
C LEU C 157 -10.80 25.87 5.74
N VAL C 158 -9.93 26.20 4.78
CA VAL C 158 -10.26 26.98 3.59
C VAL C 158 -9.87 26.15 2.36
N SER C 159 -10.67 26.27 1.30
CA SER C 159 -10.32 25.62 0.04
C SER C 159 -8.99 26.14 -0.49
N ALA C 160 -8.17 25.23 -1.02
CA ALA C 160 -6.90 25.63 -1.60
C ALA C 160 -7.14 26.56 -2.78
N PRO C 161 -6.29 27.55 -3.01
CA PRO C 161 -6.49 28.50 -4.11
C PRO C 161 -6.33 27.88 -5.48
N ASN D 43 -7.73 -35.26 21.85
CA ASN D 43 -7.45 -35.11 20.41
C ASN D 43 -6.79 -36.36 19.79
N GLY D 44 -5.54 -36.60 20.18
CA GLY D 44 -4.78 -37.76 19.71
C GLY D 44 -3.98 -37.54 18.45
N VAL D 45 -4.56 -36.83 17.48
CA VAL D 45 -3.94 -36.61 16.18
C VAL D 45 -4.33 -35.21 15.73
N GLY D 46 -3.43 -34.56 15.01
CA GLY D 46 -3.70 -33.22 14.52
C GLY D 46 -3.15 -32.97 13.14
N LEU D 47 -3.90 -32.24 12.31
CA LEU D 47 -3.35 -31.71 11.07
C LEU D 47 -2.21 -30.76 11.41
N LYS D 48 -1.11 -30.88 10.66
CA LYS D 48 -0.06 -29.89 10.85
C LYS D 48 -0.55 -28.55 10.32
N SER D 49 0.04 -27.46 10.81
CA SER D 49 -0.46 -26.15 10.43
C SER D 49 -0.21 -25.84 8.96
N THR D 50 0.68 -26.58 8.31
CA THR D 50 0.94 -26.46 6.88
C THR D 50 0.31 -27.58 6.08
N ALA D 51 -0.70 -28.25 6.64
CA ALA D 51 -1.41 -29.27 5.88
C ALA D 51 -1.90 -28.74 4.55
N TRP D 52 -2.16 -27.44 4.46
CA TRP D 52 -2.65 -26.89 3.20
C TRP D 52 -1.62 -27.05 2.08
N ILE D 53 -0.33 -27.09 2.41
CA ILE D 53 0.67 -27.34 1.38
C ILE D 53 0.44 -28.72 0.78
N ASN D 54 0.31 -29.74 1.65
CA ASN D 54 0.08 -31.09 1.19
C ASN D 54 -1.18 -31.20 0.35
N VAL D 55 -2.28 -30.59 0.83
CA VAL D 55 -3.54 -30.73 0.12
C VAL D 55 -3.48 -30.04 -1.23
N MET D 56 -2.90 -28.83 -1.28
CA MET D 56 -3.00 -28.09 -2.52
C MET D 56 -2.00 -28.58 -3.55
N CYS D 57 -0.84 -29.08 -3.09
CA CYS D 57 0.06 -29.78 -4.00
C CYS D 57 -0.64 -30.98 -4.62
N GLY D 58 -1.39 -31.73 -3.81
CA GLY D 58 -2.16 -32.83 -4.37
C GLY D 58 -3.26 -32.37 -5.31
N LEU D 59 -4.01 -31.33 -4.90
CA LEU D 59 -5.11 -30.81 -5.71
C LEU D 59 -4.68 -30.53 -7.14
N HIS D 60 -3.55 -29.85 -7.31
CA HIS D 60 -3.09 -29.39 -8.61
C HIS D 60 -2.05 -30.30 -9.21
N ASN D 61 -1.70 -31.39 -8.51
CA ASN D 61 -0.67 -32.32 -8.97
C ASN D 61 0.65 -31.59 -9.17
N ALA D 62 0.99 -30.73 -8.21
CA ALA D 62 2.16 -29.89 -8.33
C ALA D 62 3.39 -30.61 -7.78
N THR D 63 4.54 -30.39 -8.43
CA THR D 63 5.79 -30.95 -7.98
C THR D 63 6.66 -29.93 -7.23
N PHE D 64 6.30 -28.65 -7.28
CA PHE D 64 6.98 -27.60 -6.53
C PHE D 64 5.94 -26.61 -6.05
N TYR D 65 6.29 -25.84 -5.02
CA TYR D 65 5.42 -24.79 -4.52
C TYR D 65 6.28 -23.69 -3.91
N VAL D 66 5.65 -22.56 -3.60
CA VAL D 66 6.34 -21.40 -3.04
C VAL D 66 5.32 -20.58 -2.28
N TYR D 67 5.77 -19.92 -1.20
CA TYR D 67 4.82 -19.14 -0.42
C TYR D 67 5.52 -18.17 0.51
N SER D 68 4.70 -17.25 1.04
CA SER D 68 5.06 -16.36 2.13
C SER D 68 3.81 -16.23 2.97
N SER D 69 3.82 -15.30 3.93
CA SER D 69 2.60 -15.02 4.68
C SER D 69 1.47 -14.50 3.79
N TYR D 70 1.75 -14.14 2.53
CA TYR D 70 0.88 -13.30 1.73
C TYR D 70 0.46 -13.90 0.39
N PHE D 71 1.00 -15.05 0.00
CA PHE D 71 0.56 -15.72 -1.21
C PHE D 71 1.06 -17.16 -1.16
N CYS D 72 0.54 -17.99 -2.06
CA CYS D 72 1.17 -19.27 -2.36
C CYS D 72 0.88 -19.63 -3.81
N ALA D 73 1.77 -20.46 -4.36
CA ALA D 73 1.66 -20.88 -5.75
C ALA D 73 2.17 -22.30 -5.87
N PHE D 74 1.45 -23.10 -6.66
CA PHE D 74 1.70 -24.52 -6.79
C PHE D 74 2.04 -24.80 -8.25
N PHE D 75 3.24 -25.33 -8.48
CA PHE D 75 3.85 -25.38 -9.80
C PHE D 75 3.82 -26.78 -10.39
N CYS D 76 3.53 -26.85 -11.68
CA CYS D 76 3.59 -28.07 -12.47
C CYS D 76 4.44 -27.84 -13.69
N ASN D 77 5.40 -28.72 -13.93
CA ASN D 77 6.21 -28.61 -15.13
C ASN D 77 5.54 -29.33 -16.27
N TYR D 78 5.66 -28.75 -17.47
CA TYR D 78 5.11 -29.37 -18.67
C TYR D 78 5.87 -28.82 -19.86
N SER D 79 6.25 -29.71 -20.78
CA SER D 79 6.99 -29.32 -21.97
C SER D 79 8.27 -28.62 -21.52
N ASN D 80 8.59 -27.43 -22.02
CA ASN D 80 9.80 -26.73 -21.66
C ASN D 80 9.56 -25.66 -20.60
N GLY D 81 8.36 -25.58 -20.04
CA GLY D 81 8.05 -24.56 -19.07
C GLY D 81 7.20 -25.05 -17.91
N CYS D 82 6.35 -24.19 -17.36
CA CYS D 82 5.61 -24.57 -16.17
C CYS D 82 4.41 -23.66 -15.98
N VAL D 83 3.47 -24.12 -15.15
CA VAL D 83 2.28 -23.38 -14.79
C VAL D 83 2.17 -23.36 -13.27
N ALA D 84 1.77 -22.22 -12.70
CA ALA D 84 1.49 -22.14 -11.27
C ALA D 84 0.03 -21.75 -11.04
N TYR D 85 -0.59 -22.43 -10.09
CA TYR D 85 -1.92 -22.08 -9.61
C TYR D 85 -1.74 -21.30 -8.32
N VAL D 86 -2.36 -20.12 -8.23
CA VAL D 86 -1.96 -19.06 -7.30
C VAL D 86 -3.11 -18.73 -6.36
N TYR D 87 -2.79 -18.55 -5.08
CA TYR D 87 -3.77 -18.14 -4.06
C TYR D 87 -3.21 -16.99 -3.24
N GLY D 88 -4.09 -16.08 -2.85
CA GLY D 88 -3.70 -15.05 -1.92
C GLY D 88 -3.71 -15.53 -0.48
N ARG D 89 -2.93 -14.86 0.37
CA ARG D 89 -2.94 -15.14 1.80
C ARG D 89 -2.82 -13.83 2.56
N GLY D 90 -3.28 -13.84 3.81
CA GLY D 90 -3.00 -12.73 4.70
C GLY D 90 -3.50 -11.38 4.21
N ALA D 91 -4.63 -11.36 3.52
CA ALA D 91 -5.31 -10.20 2.94
C ALA D 91 -4.60 -9.66 1.70
N PHE D 92 -3.66 -10.41 1.13
CA PHE D 92 -2.91 -9.99 -0.05
C PHE D 92 -3.14 -10.95 -1.21
N TYR D 93 -2.62 -10.56 -2.37
CA TYR D 93 -2.69 -11.37 -3.59
C TYR D 93 -1.56 -10.92 -4.49
N LEU D 94 -1.35 -11.64 -5.58
CA LEU D 94 -0.30 -11.28 -6.52
C LEU D 94 -0.81 -10.36 -7.62
N SER D 95 -0.03 -9.30 -7.90
CA SER D 95 -0.31 -8.34 -8.96
C SER D 95 -0.33 -8.99 -10.35
N THR D 96 -1.29 -8.57 -11.17
CA THR D 96 -1.42 -8.98 -12.56
C THR D 96 -0.70 -8.05 -13.54
N VAL D 97 -0.10 -6.98 -13.04
CA VAL D 97 0.54 -6.01 -13.94
C VAL D 97 1.74 -6.67 -14.60
N SER D 98 1.85 -6.50 -15.91
CA SER D 98 2.92 -7.16 -16.66
C SER D 98 4.30 -6.77 -16.15
N GLY D 99 5.14 -7.76 -15.89
CA GLY D 99 6.48 -7.54 -15.37
C GLY D 99 6.60 -7.52 -13.86
N ASP D 100 5.49 -7.54 -13.12
CA ASP D 100 5.55 -7.54 -11.66
C ASP D 100 5.98 -8.89 -11.08
N ILE D 101 5.97 -9.95 -11.87
CA ILE D 101 6.32 -11.29 -11.41
C ILE D 101 7.48 -11.81 -12.25
N LYS D 102 8.44 -12.47 -11.60
CA LYS D 102 9.53 -13.09 -12.33
C LYS D 102 9.85 -14.44 -11.69
N LEU D 103 10.10 -15.42 -12.55
CA LEU D 103 10.59 -16.73 -12.12
C LEU D 103 11.96 -16.92 -12.78
N ASN D 104 13.01 -17.01 -11.97
CA ASN D 104 14.35 -17.08 -12.52
C ASN D 104 14.61 -15.91 -13.48
N SER D 105 14.14 -14.72 -13.09
CA SER D 105 14.29 -13.44 -13.78
C SER D 105 13.40 -13.25 -15.02
N VAL D 106 12.51 -14.18 -15.33
CA VAL D 106 11.68 -14.10 -16.54
C VAL D 106 10.23 -13.92 -16.13
N SER D 107 9.53 -13.04 -16.84
CA SER D 107 8.15 -12.84 -16.42
C SER D 107 7.24 -13.86 -17.11
N PRO D 108 6.10 -14.20 -16.50
CA PRO D 108 5.24 -15.22 -17.12
C PRO D 108 4.68 -14.76 -18.46
N ASN D 109 4.54 -15.72 -19.40
CA ASN D 109 3.98 -15.37 -20.71
C ASN D 109 2.49 -15.10 -20.64
N GLN D 110 1.76 -15.73 -19.71
CA GLN D 110 0.34 -15.49 -19.56
C GLN D 110 -0.04 -15.53 -18.08
N ILE D 111 -1.14 -14.84 -17.78
CA ILE D 111 -1.73 -14.74 -16.45
C ILE D 111 -3.25 -14.81 -16.59
N LEU D 112 -3.89 -15.67 -15.82
CA LEU D 112 -5.34 -15.63 -15.64
C LEU D 112 -5.64 -15.00 -14.29
N ALA D 113 -6.78 -14.34 -14.19
CA ALA D 113 -7.06 -13.53 -13.02
C ALA D 113 -8.51 -13.64 -12.60
N MET D 114 -8.74 -13.33 -11.34
CA MET D 114 -10.05 -12.96 -10.83
C MET D 114 -10.12 -11.45 -10.91
N THR D 115 -11.24 -10.92 -11.41
CA THR D 115 -11.26 -9.53 -11.87
C THR D 115 -12.28 -8.69 -11.13
N GLY D 116 -12.01 -7.40 -11.04
CA GLY D 116 -12.93 -6.44 -10.47
C GLY D 116 -13.00 -5.20 -11.31
N GLY D 117 -13.86 -4.26 -10.88
CA GLY D 117 -13.97 -3.00 -11.58
C GLY D 117 -12.70 -2.19 -11.62
N SER D 118 -11.84 -2.33 -10.61
CA SER D 118 -10.60 -1.57 -10.58
C SER D 118 -9.38 -2.37 -10.14
N SER D 119 -9.52 -3.68 -9.92
CA SER D 119 -8.40 -4.52 -9.48
C SER D 119 -8.51 -5.89 -10.13
N SER D 120 -7.41 -6.64 -10.06
CA SER D 120 -7.41 -8.04 -10.48
C SER D 120 -6.30 -8.78 -9.76
N ALA D 121 -6.51 -10.09 -9.56
CA ALA D 121 -5.58 -10.91 -8.78
C ALA D 121 -5.21 -12.15 -9.59
N VAL D 122 -3.91 -12.49 -9.61
CA VAL D 122 -3.46 -13.68 -10.34
C VAL D 122 -4.06 -14.94 -9.73
N THR D 123 -4.63 -15.79 -10.59
CA THR D 123 -5.03 -17.14 -10.21
C THR D 123 -4.25 -18.21 -10.95
N MET D 124 -3.66 -17.90 -12.11
CA MET D 124 -2.84 -18.85 -12.82
C MET D 124 -1.80 -18.07 -13.60
N MET D 125 -0.60 -18.65 -13.72
CA MET D 125 0.47 -18.01 -14.47
C MET D 125 1.39 -19.08 -15.04
N SER D 126 2.00 -18.78 -16.19
CA SER D 126 2.77 -19.77 -16.92
C SER D 126 4.03 -19.15 -17.49
N TRP D 127 5.00 -20.03 -17.78
CA TRP D 127 6.23 -19.71 -18.48
C TRP D 127 6.43 -20.75 -19.57
N THR D 128 6.69 -20.31 -20.80
CA THR D 128 6.87 -21.24 -21.91
C THR D 128 8.22 -21.96 -21.84
N SER D 129 9.22 -21.33 -21.22
CA SER D 129 10.58 -21.84 -21.33
C SER D 129 11.36 -21.69 -20.03
N THR D 130 10.66 -21.57 -18.89
CA THR D 130 11.27 -21.55 -17.57
C THR D 130 10.65 -22.68 -16.75
N LYS D 131 11.49 -23.53 -16.17
CA LYS D 131 11.01 -24.68 -15.40
C LYS D 131 10.93 -24.33 -13.92
N ALA D 132 10.02 -25.00 -13.23
CA ALA D 132 10.01 -25.00 -11.76
C ALA D 132 11.06 -25.98 -11.27
N ALA D 133 11.89 -25.54 -10.32
CA ALA D 133 12.92 -26.38 -9.75
C ALA D 133 13.23 -25.88 -8.36
N GLU D 134 13.75 -26.77 -7.51
CA GLU D 134 13.95 -26.39 -6.13
C GLU D 134 14.96 -25.26 -6.05
N GLY D 135 14.62 -24.20 -5.32
CA GLY D 135 15.55 -23.14 -5.04
C GLY D 135 15.52 -21.94 -5.96
N ILE D 136 14.81 -21.99 -7.11
CA ILE D 136 14.77 -20.79 -7.93
C ILE D 136 13.81 -19.78 -7.31
N SER D 137 14.06 -18.52 -7.63
CA SER D 137 13.40 -17.42 -6.97
C SER D 137 12.19 -16.97 -7.77
N LEU D 138 11.06 -16.82 -7.09
CA LEU D 138 9.92 -16.09 -7.63
C LEU D 138 9.91 -14.70 -7.01
N GLU D 139 10.05 -13.67 -7.84
CA GLU D 139 9.89 -12.30 -7.41
C GLU D 139 8.49 -11.84 -7.78
N TYR D 140 7.88 -11.03 -6.93
CA TYR D 140 6.51 -10.65 -7.15
C TYR D 140 6.24 -9.30 -6.50
N GLN D 141 5.09 -8.76 -6.86
CA GLN D 141 4.47 -7.63 -6.21
C GLN D 141 3.18 -8.13 -5.55
N ARG D 142 3.03 -7.90 -4.26
CA ARG D 142 1.82 -8.33 -3.55
C ARG D 142 0.97 -7.12 -3.24
N LYS D 143 -0.34 -7.26 -3.43
CA LYS D 143 -1.26 -6.14 -3.30
C LYS D 143 -2.38 -6.53 -2.34
N SER D 144 -3.02 -5.52 -1.72
CA SER D 144 -4.21 -5.74 -0.89
C SER D 144 -5.31 -4.78 -1.28
N LEU D 145 -6.52 -5.31 -1.42
CA LEU D 145 -7.69 -4.49 -1.75
C LEU D 145 -8.02 -3.50 -0.64
N ILE D 146 -7.61 -3.80 0.60
CA ILE D 146 -8.01 -2.99 1.75
C ILE D 146 -7.56 -1.55 1.59
N ASN D 147 -6.28 -1.35 1.30
CA ASN D 147 -5.72 -0.01 1.22
C ASN D 147 -4.84 0.18 -0.02
N SER D 148 -4.90 -0.74 -0.97
CA SER D 148 -4.18 -0.65 -2.25
C SER D 148 -2.66 -0.69 -2.08
N SER D 149 -2.19 -1.29 -0.98
CA SER D 149 -0.76 -1.53 -0.85
C SER D 149 -0.25 -2.36 -2.01
N SER D 150 1.00 -2.11 -2.38
CA SER D 150 1.71 -2.83 -3.42
C SER D 150 3.16 -2.94 -2.98
N ILE D 151 3.59 -4.14 -2.64
CA ILE D 151 4.86 -4.36 -1.95
C ILE D 151 5.62 -5.46 -2.70
N SER D 152 6.93 -5.23 -2.88
CA SER D 152 7.83 -6.20 -3.49
C SER D 152 8.14 -7.33 -2.53
N GLY D 153 8.31 -8.53 -3.06
CA GLY D 153 8.74 -9.67 -2.28
C GLY D 153 9.42 -10.69 -3.17
N SER D 154 10.04 -11.68 -2.52
CA SER D 154 10.58 -12.81 -3.28
C SER D 154 10.61 -14.03 -2.37
N ALA D 155 10.49 -15.21 -2.99
CA ALA D 155 10.50 -16.47 -2.25
C ALA D 155 11.07 -17.55 -3.16
N SER D 156 11.63 -18.59 -2.54
CA SER D 156 12.27 -19.67 -3.29
C SER D 156 11.38 -20.90 -3.34
N LEU D 157 11.34 -21.52 -4.52
CA LEU D 157 10.53 -22.71 -4.73
C LEU D 157 11.05 -23.88 -3.90
N VAL D 158 10.11 -24.73 -3.48
CA VAL D 158 10.39 -25.89 -2.64
C VAL D 158 9.77 -27.12 -3.30
N SER D 159 10.44 -28.26 -3.17
CA SER D 159 9.88 -29.51 -3.66
C SER D 159 8.57 -29.85 -2.96
N ALA D 160 7.59 -30.29 -3.72
CA ALA D 160 6.33 -30.73 -3.13
C ALA D 160 6.57 -31.86 -2.13
N PRO D 161 5.81 -31.91 -1.02
CA PRO D 161 6.01 -32.98 -0.03
C PRO D 161 5.69 -34.34 -0.61
N ASN E 43 5.62 -40.57 10.85
CA ASN E 43 5.00 -39.76 11.90
C ASN E 43 3.87 -40.56 12.56
N GLY E 44 3.81 -41.85 12.21
CA GLY E 44 2.76 -42.75 12.67
C GLY E 44 1.46 -42.65 11.91
N VAL E 45 1.22 -41.54 11.21
CA VAL E 45 -0.03 -41.32 10.51
C VAL E 45 0.31 -40.51 9.26
N GLY E 46 -0.48 -40.69 8.20
CA GLY E 46 -0.22 -39.94 7.00
C GLY E 46 -1.47 -39.58 6.21
N LEU E 47 -1.44 -38.42 5.56
CA LEU E 47 -2.49 -38.09 4.59
C LEU E 47 -2.35 -38.99 3.36
N LYS E 48 -3.49 -39.48 2.88
CA LYS E 48 -3.49 -40.19 1.61
C LYS E 48 -3.12 -39.23 0.48
N SER E 49 -2.56 -39.77 -0.60
CA SER E 49 -2.19 -38.91 -1.71
C SER E 49 -3.40 -38.23 -2.33
N THR E 50 -4.60 -38.82 -2.15
CA THR E 50 -5.85 -38.28 -2.66
C THR E 50 -6.66 -37.54 -1.61
N ALA E 51 -6.02 -37.16 -0.50
CA ALA E 51 -6.71 -36.40 0.55
C ALA E 51 -7.33 -35.11 0.02
N TRP E 52 -6.78 -34.57 -1.08
CA TRP E 52 -7.36 -33.39 -1.69
C TRP E 52 -8.79 -33.64 -2.16
N ILE E 53 -9.10 -34.85 -2.62
CA ILE E 53 -10.48 -35.14 -2.98
C ILE E 53 -11.40 -34.96 -1.77
N ASN E 54 -10.99 -35.50 -0.62
CA ASN E 54 -11.82 -35.41 0.58
C ASN E 54 -12.01 -33.96 1.00
N VAL E 55 -10.93 -33.19 1.01
CA VAL E 55 -11.00 -31.80 1.47
C VAL E 55 -11.91 -30.99 0.54
N MET E 56 -11.69 -31.11 -0.78
CA MET E 56 -12.43 -30.27 -1.72
C MET E 56 -13.90 -30.69 -1.82
N CYS E 57 -14.19 -31.98 -1.74
CA CYS E 57 -15.58 -32.41 -1.66
C CYS E 57 -16.26 -31.76 -0.45
N GLY E 58 -15.56 -31.72 0.69
CA GLY E 58 -16.09 -31.01 1.85
C GLY E 58 -16.22 -29.52 1.60
N LEU E 59 -15.15 -28.87 1.14
CA LEU E 59 -15.17 -27.44 0.86
C LEU E 59 -16.42 -27.00 0.10
N HIS E 60 -16.75 -27.71 -0.95
CA HIS E 60 -17.81 -27.31 -1.86
C HIS E 60 -19.14 -27.99 -1.56
N ASN E 61 -19.20 -28.84 -0.54
CA ASN E 61 -20.44 -29.55 -0.19
C ASN E 61 -20.90 -30.41 -1.37
N ALA E 62 -19.93 -31.08 -1.99
CA ALA E 62 -20.12 -31.80 -3.24
C ALA E 62 -20.35 -33.29 -2.98
N THR E 63 -21.21 -33.91 -3.81
CA THR E 63 -21.54 -35.32 -3.65
C THR E 63 -20.95 -36.19 -4.75
N PHE E 64 -20.44 -35.60 -5.82
CA PHE E 64 -19.69 -36.31 -6.85
C PHE E 64 -18.46 -35.52 -7.21
N TYR E 65 -17.43 -36.22 -7.69
CA TYR E 65 -16.22 -35.58 -8.19
C TYR E 65 -15.76 -36.33 -9.43
N VAL E 66 -14.93 -35.66 -10.21
CA VAL E 66 -14.33 -36.25 -11.39
C VAL E 66 -12.97 -35.60 -11.59
N TYR E 67 -12.01 -36.37 -12.08
CA TYR E 67 -10.68 -35.81 -12.24
C TYR E 67 -9.84 -36.71 -13.14
N SER E 68 -8.80 -36.10 -13.69
CA SER E 68 -7.71 -36.77 -14.38
C SER E 68 -6.41 -36.10 -13.94
N SER E 69 -5.31 -36.43 -14.60
CA SER E 69 -4.05 -35.75 -14.32
C SER E 69 -4.10 -34.26 -14.63
N TYR E 70 -5.19 -33.78 -15.27
CA TYR E 70 -5.21 -32.46 -15.86
C TYR E 70 -6.31 -31.54 -15.35
N PHE E 71 -7.22 -32.03 -14.52
CA PHE E 71 -8.27 -31.17 -13.98
C PHE E 71 -8.95 -31.95 -12.87
N CYS E 72 -9.81 -31.25 -12.13
CA CYS E 72 -10.76 -31.90 -11.25
C CYS E 72 -11.98 -30.99 -11.12
N ALA E 73 -13.12 -31.60 -10.83
CA ALA E 73 -14.37 -30.87 -10.74
C ALA E 73 -15.22 -31.52 -9.65
N PHE E 74 -15.85 -30.68 -8.84
CA PHE E 74 -16.60 -31.12 -7.67
C PHE E 74 -18.05 -30.71 -7.85
N PHE E 75 -18.95 -31.71 -7.85
CA PHE E 75 -20.34 -31.55 -8.30
C PHE E 75 -21.34 -31.48 -7.16
N CYS E 76 -22.29 -30.56 -7.28
CA CYS E 76 -23.39 -30.37 -6.35
C CYS E 76 -24.70 -30.45 -7.13
N ASN E 77 -25.59 -31.31 -6.69
CA ASN E 77 -26.92 -31.43 -7.27
C ASN E 77 -27.86 -30.44 -6.60
N TYR E 78 -28.67 -29.75 -7.40
CA TYR E 78 -29.64 -28.81 -6.87
C TYR E 78 -30.73 -28.58 -7.90
N SER E 79 -31.98 -28.52 -7.43
CA SER E 79 -33.16 -28.34 -8.27
C SER E 79 -33.10 -29.41 -9.37
N ASN E 80 -33.33 -29.07 -10.62
CA ASN E 80 -33.28 -30.09 -11.66
C ASN E 80 -31.89 -30.33 -12.20
N GLY E 81 -30.88 -29.61 -11.70
CA GLY E 81 -29.57 -29.71 -12.29
C GLY E 81 -28.41 -29.81 -11.32
N CYS E 82 -27.22 -29.39 -11.77
CA CYS E 82 -26.04 -29.47 -10.91
C CYS E 82 -25.06 -28.38 -11.29
N VAL E 83 -24.06 -28.21 -10.42
CA VAL E 83 -22.98 -27.24 -10.59
C VAL E 83 -21.68 -27.95 -10.26
N ALA E 84 -20.63 -27.69 -11.05
CA ALA E 84 -19.29 -28.14 -10.73
C ALA E 84 -18.40 -26.95 -10.42
N TYR E 85 -17.58 -27.08 -9.38
CA TYR E 85 -16.51 -26.12 -9.09
C TYR E 85 -15.22 -26.76 -9.58
N VAL E 86 -14.49 -26.05 -10.44
CA VAL E 86 -13.47 -26.65 -11.29
C VAL E 86 -12.09 -26.11 -10.95
N TYR E 87 -11.08 -27.00 -11.00
CA TYR E 87 -9.67 -26.66 -10.77
C TYR E 87 -8.80 -27.29 -11.85
N GLY E 88 -7.73 -26.59 -12.25
CA GLY E 88 -6.76 -27.18 -13.16
C GLY E 88 -5.75 -28.05 -12.43
N ARG E 89 -5.14 -28.98 -13.18
CA ARG E 89 -4.08 -29.82 -12.64
C ARG E 89 -3.00 -30.04 -13.69
N GLY E 90 -1.78 -30.34 -13.23
CA GLY E 90 -0.72 -30.76 -14.12
C GLY E 90 -0.43 -29.81 -15.25
N ALA E 91 -0.64 -28.51 -15.03
CA ALA E 91 -0.36 -27.37 -15.93
C ALA E 91 -1.48 -27.16 -16.94
N PHE E 92 -2.58 -27.88 -16.83
CA PHE E 92 -3.72 -27.75 -17.72
C PHE E 92 -4.94 -27.23 -16.98
N TYR E 93 -6.00 -26.98 -17.74
CA TYR E 93 -7.27 -26.50 -17.22
C TYR E 93 -8.33 -26.84 -18.26
N LEU E 94 -9.60 -26.69 -17.87
CA LEU E 94 -10.69 -26.99 -18.80
C LEU E 94 -10.99 -25.79 -19.67
N SER E 95 -11.12 -26.04 -20.97
CA SER E 95 -11.51 -25.00 -21.93
C SER E 95 -12.86 -24.40 -21.58
N THR E 96 -12.99 -23.10 -21.80
CA THR E 96 -14.27 -22.42 -21.61
C THR E 96 -15.08 -22.31 -22.89
N VAL E 97 -14.53 -22.77 -24.02
CA VAL E 97 -15.22 -22.63 -25.29
C VAL E 97 -16.48 -23.49 -25.27
N SER E 98 -17.63 -22.84 -25.43
CA SER E 98 -18.92 -23.51 -25.37
C SER E 98 -19.02 -24.58 -26.44
N GLY E 99 -19.30 -25.81 -26.02
CA GLY E 99 -19.24 -26.98 -26.87
C GLY E 99 -18.11 -27.92 -26.54
N ASP E 100 -17.10 -27.46 -25.77
CA ASP E 100 -16.02 -28.34 -25.37
C ASP E 100 -16.38 -29.22 -24.19
N ILE E 101 -17.44 -28.91 -23.44
CA ILE E 101 -17.79 -29.63 -22.22
C ILE E 101 -19.19 -30.24 -22.37
N LYS E 102 -19.30 -31.52 -22.03
CA LYS E 102 -20.58 -32.22 -22.04
C LYS E 102 -20.64 -33.15 -20.83
N LEU E 103 -21.66 -32.98 -20.00
CA LEU E 103 -21.95 -33.91 -18.91
C LEU E 103 -23.15 -34.75 -19.34
N ASN E 104 -22.92 -36.04 -19.55
CA ASN E 104 -23.98 -36.94 -20.02
C ASN E 104 -24.62 -36.39 -21.29
N SER E 105 -23.78 -35.91 -22.21
CA SER E 105 -24.07 -35.36 -23.53
C SER E 105 -24.62 -33.93 -23.49
N VAL E 106 -24.93 -33.38 -22.32
CA VAL E 106 -25.55 -32.07 -22.22
C VAL E 106 -24.47 -31.03 -21.97
N SER E 107 -24.57 -29.85 -22.69
CA SER E 107 -23.64 -28.76 -22.45
C SER E 107 -24.14 -27.88 -21.29
N PRO E 108 -23.22 -27.24 -20.57
CA PRO E 108 -23.63 -26.42 -19.42
C PRO E 108 -24.36 -25.15 -19.84
N ASN E 109 -25.34 -24.75 -19.03
CA ASN E 109 -26.06 -23.52 -19.34
C ASN E 109 -25.20 -22.29 -19.04
N GLN E 110 -24.27 -22.38 -18.09
CA GLN E 110 -23.43 -21.23 -17.77
C GLN E 110 -22.05 -21.72 -17.35
N ILE E 111 -21.03 -20.94 -17.72
CA ILE E 111 -19.63 -21.20 -17.34
C ILE E 111 -19.06 -19.91 -16.78
N LEU E 112 -18.48 -19.98 -15.58
CA LEU E 112 -17.74 -18.86 -15.00
C LEU E 112 -16.26 -19.19 -15.06
N ALA E 113 -15.42 -18.16 -15.23
CA ALA E 113 -14.02 -18.40 -15.58
C ALA E 113 -13.09 -17.40 -14.90
N MET E 114 -11.84 -17.82 -14.74
CA MET E 114 -10.72 -16.89 -14.58
C MET E 114 -10.19 -16.51 -15.96
N THR E 115 -9.83 -15.24 -16.12
CA THR E 115 -9.61 -14.66 -17.43
C THR E 115 -8.28 -13.92 -17.51
N GLY E 116 -7.75 -13.83 -18.73
CA GLY E 116 -6.55 -13.04 -18.97
C GLY E 116 -6.12 -13.12 -20.42
N GLY E 117 -5.83 -11.98 -21.03
CA GLY E 117 -5.44 -11.97 -22.43
C GLY E 117 -6.51 -12.63 -23.28
N SER E 118 -6.09 -13.55 -24.14
CA SER E 118 -7.05 -14.33 -24.91
C SER E 118 -7.55 -15.56 -24.17
N SER E 119 -6.91 -15.93 -23.06
CA SER E 119 -7.18 -17.21 -22.43
C SER E 119 -8.16 -17.08 -21.28
N SER E 120 -8.82 -18.20 -20.98
CA SER E 120 -9.71 -18.31 -19.83
C SER E 120 -9.84 -19.78 -19.45
N ALA E 121 -10.12 -20.02 -18.16
CA ALA E 121 -10.18 -21.38 -17.61
C ALA E 121 -11.44 -21.52 -16.78
N VAL E 122 -12.14 -22.65 -16.94
CA VAL E 122 -13.41 -22.85 -16.24
C VAL E 122 -13.18 -22.93 -14.72
N THR E 123 -13.96 -22.17 -13.98
CA THR E 123 -13.95 -22.27 -12.54
C THR E 123 -15.29 -22.70 -11.94
N MET E 124 -16.40 -22.46 -12.66
CA MET E 124 -17.71 -22.91 -12.20
C MET E 124 -18.55 -23.17 -13.44
N MET E 125 -19.29 -24.28 -13.46
CA MET E 125 -20.19 -24.57 -14.59
C MET E 125 -21.45 -25.24 -14.07
N SER E 126 -22.56 -24.99 -14.76
CA SER E 126 -23.86 -25.45 -14.28
C SER E 126 -24.65 -26.09 -15.41
N TRP E 127 -25.60 -26.94 -15.00
CA TRP E 127 -26.62 -27.52 -15.87
C TRP E 127 -27.99 -27.24 -15.25
N THR E 128 -28.94 -26.72 -16.04
CA THR E 128 -30.25 -26.43 -15.48
C THR E 128 -31.12 -27.67 -15.27
N SER E 129 -30.84 -28.76 -15.98
CA SER E 129 -31.74 -29.91 -15.93
C SER E 129 -31.00 -31.20 -16.16
N THR E 130 -29.73 -31.25 -15.82
CA THR E 130 -28.94 -32.46 -15.92
C THR E 130 -28.34 -32.72 -14.54
N LYS E 131 -28.40 -33.95 -14.07
CA LYS E 131 -27.95 -34.21 -12.70
C LYS E 131 -26.60 -34.91 -12.76
N ALA E 132 -25.85 -34.79 -11.68
CA ALA E 132 -24.62 -35.54 -11.49
C ALA E 132 -24.94 -36.89 -10.86
N ALA E 133 -24.32 -37.94 -11.38
CA ALA E 133 -24.57 -39.29 -10.90
C ALA E 133 -23.34 -40.15 -11.15
N GLU E 134 -23.24 -41.24 -10.40
CA GLU E 134 -22.03 -42.03 -10.43
C GLU E 134 -21.88 -42.73 -11.78
N GLY E 135 -20.65 -42.76 -12.28
CA GLY E 135 -20.34 -43.41 -13.53
C GLY E 135 -20.61 -42.60 -14.78
N ILE E 136 -21.43 -41.55 -14.70
CA ILE E 136 -21.72 -40.75 -15.89
C ILE E 136 -20.44 -40.03 -16.29
N SER E 137 -20.43 -39.43 -17.46
CA SER E 137 -19.17 -39.01 -18.05
C SER E 137 -19.17 -37.52 -18.37
N LEU E 138 -18.04 -36.89 -18.06
CA LEU E 138 -17.75 -35.52 -18.46
C LEU E 138 -16.77 -35.54 -19.62
N GLU E 139 -17.12 -34.87 -20.71
CA GLU E 139 -16.24 -34.71 -21.86
C GLU E 139 -15.75 -33.28 -21.93
N TYR E 140 -14.48 -33.11 -22.30
CA TYR E 140 -13.90 -31.79 -22.18
C TYR E 140 -12.70 -31.66 -23.12
N GLN E 141 -12.44 -30.42 -23.53
CA GLN E 141 -11.13 -30.04 -24.04
C GLN E 141 -10.29 -29.48 -22.89
N ARG E 142 -9.07 -29.98 -22.76
CA ARG E 142 -8.11 -29.43 -21.80
C ARG E 142 -7.11 -28.56 -22.54
N LYS E 143 -6.72 -27.46 -21.91
CA LYS E 143 -5.78 -26.51 -22.48
C LYS E 143 -4.71 -26.16 -21.46
N SER E 144 -3.58 -25.66 -21.96
CA SER E 144 -2.50 -25.20 -21.10
C SER E 144 -2.07 -23.81 -21.54
N LEU E 145 -1.77 -22.95 -20.58
CA LEU E 145 -1.23 -21.64 -20.91
C LEU E 145 0.12 -21.76 -21.60
N ILE E 146 0.80 -22.89 -21.44
CA ILE E 146 2.18 -23.03 -21.89
C ILE E 146 2.28 -23.04 -23.41
N ASN E 147 1.36 -23.74 -24.07
CA ASN E 147 1.37 -23.80 -25.52
C ASN E 147 -0.07 -23.73 -26.02
N SER E 148 -0.21 -23.53 -27.32
CA SER E 148 -1.53 -23.51 -27.95
C SER E 148 -1.91 -24.96 -28.24
N SER E 149 -2.56 -25.60 -27.27
CA SER E 149 -3.02 -26.97 -27.40
C SER E 149 -4.47 -27.05 -26.97
N SER E 150 -5.14 -28.13 -27.38
CA SER E 150 -6.52 -28.40 -26.96
C SER E 150 -6.81 -29.89 -27.12
N ILE E 151 -6.42 -30.67 -26.14
CA ILE E 151 -6.56 -32.12 -26.16
C ILE E 151 -7.95 -32.50 -25.66
N SER E 152 -8.54 -33.51 -26.30
CA SER E 152 -9.84 -34.03 -25.87
C SER E 152 -9.65 -35.01 -24.73
N GLY E 153 -10.68 -35.13 -23.88
CA GLY E 153 -10.62 -36.09 -22.79
C GLY E 153 -11.98 -36.35 -22.19
N SER E 154 -12.02 -37.38 -21.35
CA SER E 154 -13.23 -37.73 -20.62
C SER E 154 -12.85 -38.50 -19.37
N ALA E 155 -13.76 -38.48 -18.40
CA ALA E 155 -13.58 -39.21 -17.15
C ALA E 155 -14.94 -39.41 -16.48
N SER E 156 -14.95 -40.24 -15.45
CA SER E 156 -16.19 -40.73 -14.85
C SER E 156 -16.43 -40.05 -13.51
N LEU E 157 -17.64 -39.49 -13.34
CA LEU E 157 -18.06 -39.02 -12.04
C LEU E 157 -18.03 -40.16 -11.02
N VAL E 158 -17.63 -39.83 -9.80
CA VAL E 158 -17.43 -40.79 -8.72
C VAL E 158 -18.15 -40.25 -7.50
N SER E 159 -18.67 -41.15 -6.67
CA SER E 159 -19.25 -40.76 -5.39
C SER E 159 -18.20 -40.09 -4.51
N ALA E 160 -18.57 -38.99 -3.90
CA ALA E 160 -17.69 -38.34 -2.92
C ALA E 160 -17.32 -39.36 -1.83
N PRO E 161 -16.09 -39.34 -1.32
CA PRO E 161 -15.68 -40.21 -0.22
C PRO E 161 -16.39 -39.91 1.09
N ASN F 43 -10.07 -48.24 9.48
CA ASN F 43 -9.35 -47.00 9.22
C ASN F 43 -8.52 -46.55 10.42
N GLY F 44 -9.19 -46.47 11.57
CA GLY F 44 -8.57 -46.05 12.81
C GLY F 44 -8.40 -44.56 12.96
N VAL F 45 -8.35 -43.82 11.86
CA VAL F 45 -8.22 -42.37 11.88
C VAL F 45 -8.98 -41.86 10.67
N GLY F 46 -9.53 -40.66 10.79
CA GLY F 46 -10.32 -40.09 9.71
C GLY F 46 -10.28 -38.59 9.76
N LEU F 47 -10.46 -37.98 8.61
CA LEU F 47 -10.65 -36.53 8.55
C LEU F 47 -12.04 -36.20 9.07
N LYS F 48 -12.15 -35.16 9.90
CA LYS F 48 -13.48 -34.58 10.14
C LYS F 48 -14.13 -34.12 8.84
N SER F 49 -15.47 -34.15 8.85
CA SER F 49 -16.23 -33.64 7.70
C SER F 49 -15.96 -32.16 7.46
N THR F 50 -15.59 -31.42 8.51
CA THR F 50 -15.27 -30.00 8.38
C THR F 50 -13.79 -29.74 8.22
N ALA F 51 -13.00 -30.77 7.89
CA ALA F 51 -11.57 -30.58 7.74
C ALA F 51 -11.25 -29.49 6.72
N TRP F 52 -12.15 -29.27 5.75
CA TRP F 52 -11.94 -28.20 4.78
C TRP F 52 -11.81 -26.84 5.47
N ILE F 53 -12.50 -26.65 6.59
CA ILE F 53 -12.34 -25.42 7.37
C ILE F 53 -10.89 -25.24 7.78
N ASN F 54 -10.31 -26.28 8.40
CA ASN F 54 -8.94 -26.20 8.86
C ASN F 54 -7.98 -25.99 7.70
N VAL F 55 -8.20 -26.72 6.61
CA VAL F 55 -7.28 -26.64 5.48
C VAL F 55 -7.32 -25.26 4.85
N MET F 56 -8.53 -24.73 4.60
CA MET F 56 -8.62 -23.45 3.90
C MET F 56 -8.26 -22.26 4.79
N CYS F 57 -8.52 -22.30 6.10
CA CYS F 57 -7.98 -21.24 6.96
C CYS F 57 -6.47 -21.20 6.87
N GLY F 58 -5.82 -22.37 6.92
CA GLY F 58 -4.37 -22.40 6.73
C GLY F 58 -3.96 -21.89 5.36
N LEU F 59 -4.64 -22.35 4.30
CA LEU F 59 -4.33 -21.92 2.95
C LEU F 59 -4.21 -20.41 2.85
N HIS F 60 -5.24 -19.70 3.32
CA HIS F 60 -5.33 -18.26 3.18
C HIS F 60 -4.76 -17.52 4.37
N ASN F 61 -4.18 -18.24 5.34
CA ASN F 61 -3.65 -17.63 6.55
C ASN F 61 -4.74 -16.84 7.27
N ALA F 62 -5.94 -17.40 7.31
CA ALA F 62 -7.11 -16.70 7.83
C ALA F 62 -7.23 -16.86 9.34
N THR F 63 -7.73 -15.81 9.99
CA THR F 63 -7.98 -15.87 11.42
C THR F 63 -9.46 -15.96 11.76
N PHE F 64 -10.34 -15.78 10.79
CA PHE F 64 -11.77 -15.96 10.98
C PHE F 64 -12.35 -16.59 9.73
N TYR F 65 -13.51 -17.22 9.88
CA TYR F 65 -14.20 -17.76 8.73
C TYR F 65 -15.69 -17.66 9.00
N VAL F 66 -16.47 -17.88 7.94
CA VAL F 66 -17.93 -17.93 8.03
C VAL F 66 -18.41 -18.86 6.92
N TYR F 67 -19.50 -19.59 7.19
CA TYR F 67 -20.02 -20.43 6.12
C TYR F 67 -21.47 -20.76 6.38
N SER F 68 -22.12 -21.22 5.32
CA SER F 68 -23.41 -21.89 5.39
C SER F 68 -23.35 -23.09 4.46
N SER F 69 -24.50 -23.71 4.25
CA SER F 69 -24.54 -24.81 3.31
C SER F 69 -24.22 -24.35 1.88
N TYR F 70 -24.17 -23.02 1.64
CA TYR F 70 -24.17 -22.45 0.29
C TYR F 70 -22.94 -21.61 -0.06
N PHE F 71 -22.04 -21.36 0.89
CA PHE F 71 -20.86 -20.55 0.60
C PHE F 71 -19.90 -20.70 1.77
N CYS F 72 -18.65 -20.28 1.55
CA CYS F 72 -17.79 -20.03 2.70
C CYS F 72 -16.84 -18.89 2.36
N ALA F 73 -16.28 -18.29 3.41
CA ALA F 73 -15.42 -17.13 3.27
C ALA F 73 -14.37 -17.18 4.37
N PHE F 74 -13.11 -16.98 4.00
CA PHE F 74 -12.01 -17.04 4.94
C PHE F 74 -11.38 -15.65 5.05
N PHE F 75 -11.36 -15.12 6.27
CA PHE F 75 -11.12 -13.70 6.54
C PHE F 75 -9.72 -13.47 7.09
N CYS F 76 -9.08 -12.41 6.59
CA CYS F 76 -7.78 -11.96 7.08
C CYS F 76 -7.89 -10.50 7.43
N ASN F 77 -7.38 -10.12 8.60
CA ASN F 77 -7.34 -8.74 9.02
C ASN F 77 -6.00 -8.12 8.62
N TYR F 78 -6.05 -6.88 8.14
CA TYR F 78 -4.82 -6.18 7.78
C TYR F 78 -5.10 -4.69 7.79
N SER F 79 -4.18 -3.92 8.38
CA SER F 79 -4.31 -2.48 8.65
C SER F 79 -5.70 -2.21 9.24
N ASN F 80 -6.49 -1.31 8.66
CA ASN F 80 -7.77 -0.92 9.26
C ASN F 80 -8.95 -1.76 8.80
N GLY F 81 -8.71 -2.78 7.96
CA GLY F 81 -9.80 -3.54 7.39
C GLY F 81 -9.58 -5.04 7.31
N CYS F 82 -10.23 -5.67 6.34
CA CYS F 82 -10.14 -7.11 6.22
C CYS F 82 -10.51 -7.52 4.80
N VAL F 83 -10.10 -8.75 4.46
CA VAL F 83 -10.33 -9.35 3.16
C VAL F 83 -10.86 -10.75 3.40
N ALA F 84 -11.85 -11.19 2.62
CA ALA F 84 -12.24 -12.58 2.59
C ALA F 84 -11.98 -13.21 1.23
N TYR F 85 -11.50 -14.44 1.25
CA TYR F 85 -11.40 -15.30 0.09
C TYR F 85 -12.61 -16.22 0.11
N VAL F 86 -13.35 -16.25 -0.99
CA VAL F 86 -14.73 -16.72 -1.00
C VAL F 86 -14.86 -17.90 -1.94
N TYR F 87 -15.59 -18.94 -1.49
CA TYR F 87 -15.88 -20.13 -2.27
C TYR F 87 -17.37 -20.43 -2.20
N GLY F 88 -17.93 -20.89 -3.30
CA GLY F 88 -19.30 -21.33 -3.29
C GLY F 88 -19.43 -22.77 -2.80
N ARG F 89 -20.62 -23.09 -2.31
CA ARG F 89 -20.94 -24.44 -1.86
C ARG F 89 -22.34 -24.80 -2.30
N GLY F 90 -22.57 -26.10 -2.50
CA GLY F 90 -23.92 -26.60 -2.69
C GLY F 90 -24.65 -26.00 -3.87
N ALA F 91 -23.94 -25.78 -4.98
CA ALA F 91 -24.40 -25.20 -6.24
C ALA F 91 -24.70 -23.71 -6.16
N PHE F 92 -24.42 -23.06 -5.04
CA PHE F 92 -24.62 -21.62 -4.87
C PHE F 92 -23.29 -20.88 -4.82
N TYR F 93 -23.40 -19.54 -4.83
CA TYR F 93 -22.27 -18.62 -4.80
C TYR F 93 -22.79 -17.27 -4.32
N LEU F 94 -21.85 -16.37 -4.01
CA LEU F 94 -22.21 -15.05 -3.48
C LEU F 94 -22.31 -14.04 -4.60
N SER F 95 -23.41 -13.29 -4.61
CA SER F 95 -23.64 -12.25 -5.61
C SER F 95 -22.57 -11.16 -5.54
N THR F 96 -22.14 -10.69 -6.72
CA THR F 96 -21.21 -9.58 -6.88
C THR F 96 -21.93 -8.24 -7.02
N VAL F 97 -23.26 -8.28 -7.16
CA VAL F 97 -24.04 -7.08 -7.40
C VAL F 97 -23.88 -6.15 -6.21
N SER F 98 -23.66 -4.87 -6.48
CA SER F 98 -23.30 -3.94 -5.42
C SER F 98 -24.47 -3.77 -4.44
N GLY F 99 -24.13 -3.72 -3.15
CA GLY F 99 -25.10 -3.60 -2.07
C GLY F 99 -25.73 -4.92 -1.64
N ASP F 100 -25.44 -6.02 -2.31
CA ASP F 100 -25.98 -7.30 -1.83
C ASP F 100 -25.20 -7.87 -0.65
N ILE F 101 -24.06 -7.29 -0.27
CA ILE F 101 -23.22 -7.85 0.78
C ILE F 101 -22.97 -6.79 1.85
N LYS F 102 -23.08 -7.20 3.11
CA LYS F 102 -22.76 -6.32 4.24
C LYS F 102 -22.02 -7.10 5.31
N LEU F 103 -20.94 -6.51 5.83
CA LEU F 103 -20.25 -7.03 7.01
C LEU F 103 -20.36 -5.98 8.10
N ASN F 104 -20.93 -6.38 9.25
CA ASN F 104 -21.21 -5.46 10.34
C ASN F 104 -21.90 -4.21 9.83
N SER F 105 -22.81 -4.40 8.85
CA SER F 105 -23.65 -3.39 8.20
C SER F 105 -22.92 -2.52 7.18
N VAL F 106 -21.72 -2.87 6.73
CA VAL F 106 -20.96 -2.04 5.79
C VAL F 106 -20.73 -2.84 4.52
N SER F 107 -20.91 -2.18 3.35
CA SER F 107 -20.64 -2.88 2.10
C SER F 107 -19.13 -2.98 1.86
N PRO F 108 -18.68 -4.02 1.16
CA PRO F 108 -17.25 -4.12 0.84
C PRO F 108 -16.83 -3.02 -0.14
N ASN F 109 -15.58 -2.57 -0.01
CA ASN F 109 -15.11 -1.54 -0.93
C ASN F 109 -14.76 -2.12 -2.30
N GLN F 110 -14.28 -3.36 -2.36
CA GLN F 110 -13.99 -4.00 -3.64
C GLN F 110 -14.42 -5.46 -3.62
N ILE F 111 -14.67 -5.99 -4.82
CA ILE F 111 -15.05 -7.38 -5.08
C ILE F 111 -14.35 -7.85 -6.34
N LEU F 112 -13.63 -8.96 -6.24
CA LEU F 112 -13.11 -9.66 -7.40
C LEU F 112 -13.95 -10.90 -7.64
N ALA F 113 -14.01 -11.31 -8.90
CA ALA F 113 -15.00 -12.31 -9.28
C ALA F 113 -14.45 -13.22 -10.35
N MET F 114 -15.05 -14.41 -10.44
CA MET F 114 -15.03 -15.22 -11.65
C MET F 114 -16.23 -14.82 -12.53
N THR F 115 -16.03 -14.76 -13.85
CA THR F 115 -17.01 -14.15 -14.74
C THR F 115 -17.35 -15.04 -15.92
N GLY F 116 -18.50 -14.78 -16.53
CA GLY F 116 -18.93 -15.55 -17.68
C GLY F 116 -20.23 -15.04 -18.27
N GLY F 117 -20.16 -14.48 -19.47
CA GLY F 117 -21.32 -13.85 -20.07
C GLY F 117 -21.93 -12.81 -19.16
N SER F 118 -23.14 -13.09 -18.65
CA SER F 118 -23.84 -12.21 -17.74
C SER F 118 -24.07 -12.87 -16.39
N SER F 119 -23.05 -13.55 -15.88
CA SER F 119 -23.08 -14.06 -14.51
C SER F 119 -21.68 -13.91 -13.93
N SER F 120 -21.62 -13.77 -12.61
CA SER F 120 -20.34 -13.58 -11.92
C SER F 120 -20.50 -13.89 -10.44
N ALA F 121 -19.43 -14.36 -9.82
CA ALA F 121 -19.47 -14.89 -8.47
C ALA F 121 -18.29 -14.34 -7.68
N VAL F 122 -18.53 -13.90 -6.45
CA VAL F 122 -17.47 -13.33 -5.63
C VAL F 122 -16.38 -14.36 -5.40
N THR F 123 -15.12 -13.95 -5.59
CA THR F 123 -14.01 -14.77 -5.18
C THR F 123 -13.11 -14.09 -4.16
N MET F 124 -13.18 -12.76 -4.05
CA MET F 124 -12.48 -12.00 -3.02
C MET F 124 -13.29 -10.75 -2.75
N MET F 125 -13.31 -10.33 -1.49
CA MET F 125 -14.01 -9.11 -1.11
C MET F 125 -13.34 -8.49 0.09
N SER F 126 -13.34 -7.17 0.14
CA SER F 126 -12.55 -6.43 1.12
C SER F 126 -13.37 -5.32 1.73
N TRP F 127 -12.91 -4.84 2.90
CA TRP F 127 -13.47 -3.70 3.60
C TRP F 127 -12.32 -2.78 4.01
N THR F 128 -12.49 -1.48 3.81
CA THR F 128 -11.42 -0.56 4.19
C THR F 128 -11.34 -0.38 5.70
N SER F 129 -12.48 -0.44 6.41
CA SER F 129 -12.52 0.05 7.78
C SER F 129 -13.28 -0.87 8.70
N THR F 130 -13.56 -2.10 8.29
CA THR F 130 -14.30 -3.08 9.08
C THR F 130 -13.43 -4.29 9.28
N LYS F 131 -13.28 -4.70 10.55
CA LYS F 131 -12.34 -5.77 10.85
C LYS F 131 -13.14 -7.04 11.05
N ALA F 132 -12.49 -8.17 10.83
CA ALA F 132 -13.11 -9.45 11.08
C ALA F 132 -12.96 -9.80 12.56
N ALA F 133 -14.05 -10.29 13.15
CA ALA F 133 -14.04 -10.64 14.55
C ALA F 133 -15.14 -11.66 14.83
N GLU F 134 -14.96 -12.40 15.92
CA GLU F 134 -15.92 -13.44 16.31
C GLU F 134 -17.31 -12.84 16.38
N GLY F 135 -18.26 -13.47 15.69
CA GLY F 135 -19.65 -13.15 15.87
C GLY F 135 -20.22 -11.99 15.09
N ILE F 136 -19.44 -11.24 14.31
CA ILE F 136 -20.09 -10.19 13.54
C ILE F 136 -20.80 -10.83 12.35
N SER F 137 -21.79 -10.12 11.81
CA SER F 137 -22.71 -10.72 10.87
C SER F 137 -22.31 -10.36 9.45
N LEU F 138 -22.25 -11.37 8.58
CA LEU F 138 -22.12 -11.18 7.13
C LEU F 138 -23.49 -11.42 6.50
N GLU F 139 -24.06 -10.37 5.94
CA GLU F 139 -25.29 -10.47 5.17
C GLU F 139 -24.95 -10.53 3.69
N TYR F 140 -25.68 -11.37 2.96
CA TYR F 140 -25.34 -11.60 1.56
C TYR F 140 -26.57 -12.03 0.80
N GLN F 141 -26.41 -12.08 -0.51
CA GLN F 141 -27.38 -12.61 -1.44
C GLN F 141 -26.70 -13.81 -2.12
N ARG F 142 -27.19 -15.02 -1.85
CA ARG F 142 -26.65 -16.21 -2.50
C ARG F 142 -27.44 -16.50 -3.78
N LYS F 143 -26.73 -16.97 -4.80
CA LYS F 143 -27.31 -17.23 -6.11
C LYS F 143 -26.86 -18.58 -6.64
N SER F 144 -27.65 -19.14 -7.54
CA SER F 144 -27.30 -20.39 -8.21
C SER F 144 -27.51 -20.23 -9.71
N LEU F 145 -26.50 -20.63 -10.48
CA LEU F 145 -26.63 -20.63 -11.93
C LEU F 145 -27.70 -21.61 -12.40
N ILE F 146 -28.02 -22.62 -11.61
CA ILE F 146 -28.90 -23.69 -12.09
C ILE F 146 -30.27 -23.13 -12.40
N ASN F 147 -30.75 -22.19 -11.59
CA ASN F 147 -32.10 -21.69 -11.75
C ASN F 147 -32.21 -20.19 -11.55
N SER F 148 -31.08 -19.48 -11.49
CA SER F 148 -31.05 -18.02 -11.33
C SER F 148 -31.77 -17.58 -10.06
N SER F 149 -31.73 -18.39 -9.01
CA SER F 149 -32.29 -17.97 -7.73
C SER F 149 -31.41 -16.89 -7.12
N SER F 150 -32.02 -16.05 -6.30
CA SER F 150 -31.27 -15.08 -5.50
C SER F 150 -31.99 -14.99 -4.15
N ILE F 151 -31.27 -15.30 -3.08
CA ILE F 151 -31.87 -15.56 -1.78
C ILE F 151 -31.05 -14.85 -0.71
N SER F 152 -31.70 -13.99 0.07
CA SER F 152 -31.01 -13.34 1.18
C SER F 152 -30.56 -14.37 2.20
N GLY F 153 -29.41 -14.09 2.82
CA GLY F 153 -28.93 -14.91 3.92
C GLY F 153 -28.00 -14.12 4.81
N SER F 154 -27.67 -14.73 5.94
CA SER F 154 -26.71 -14.13 6.85
C SER F 154 -26.05 -15.24 7.67
N ALA F 155 -24.84 -14.96 8.12
CA ALA F 155 -24.12 -15.92 8.92
C ALA F 155 -23.11 -15.13 9.73
N SER F 156 -22.65 -15.72 10.83
CA SER F 156 -21.75 -15.02 11.73
C SER F 156 -20.34 -15.59 11.62
N LEU F 157 -19.35 -14.71 11.77
CA LEU F 157 -17.96 -15.12 11.70
C LEU F 157 -17.55 -15.91 12.94
N VAL F 158 -16.65 -16.86 12.73
CA VAL F 158 -16.14 -17.76 13.75
C VAL F 158 -14.62 -17.66 13.74
N SER F 159 -14.00 -17.79 14.91
CA SER F 159 -12.55 -17.80 14.98
C SER F 159 -11.99 -19.03 14.26
N ALA F 160 -10.89 -18.83 13.51
CA ALA F 160 -10.27 -19.96 12.82
C ALA F 160 -9.78 -20.98 13.83
N PRO F 161 -9.85 -22.28 13.52
CA PRO F 161 -9.36 -23.29 14.47
C PRO F 161 -7.86 -23.16 14.76
#